data_4OOZ
#
_entry.id   4OOZ
#
_cell.length_a   74.023
_cell.length_b   82.453
_cell.length_c   164.324
_cell.angle_alpha   90.00
_cell.angle_beta   90.00
_cell.angle_gamma   90.00
#
_symmetry.space_group_name_H-M   'P 21 21 21'
#
loop_
_entity.id
_entity.type
_entity.pdbx_description
1 polymer Beta-1,4-mannanase
2 branched beta-D-mannopyranose-(1-4)-beta-D-mannopyranose-(1-4)-beta-D-mannopyranose-(1-4)-beta-D-mannopyranose
3 branched beta-D-mannopyranose-(1-4)-beta-D-mannopyranose-(1-4)-beta-D-mannopyranose-(1-4)-beta-D-mannopyranose-(1-4)-beta-D-mannopyranose
4 non-polymer beta-D-mannopyranose
5 water water
#
_entity_poly.entity_id   1
_entity_poly.type   'polypeptide(L)'
_entity_poly.pdbx_seq_one_letter_code
;MVKLFSFLLLVWVASPAFSSEFLKASGSNFYYGGQKVFLSGVNFAWRSYGSDFGNGQYASNGPALKDWINKVKASGGNTA
RVWVHVEGQVSPAFDSHGFVTSTDSKKTLINDLSDLLDYANGQNVFLILVLFNGALQNNSNVQNLFWDESKLNSYINNAL
TPMVNALKSKPSLAAWEVLNEPEGTLQPGSDQNSCYDTSTLAAQGAGWGGKKFPMKQILKTINWISSAIHNADSKALVTV
GSWSELTQTDSFGYRNHYKDSCLTGAGGKSNGIINFYQMHTYSHSGKWNQNAPFKVNRWAYNVNDKPLLIGEFASVCSQN
EGIQNLYKYAYNNGYNGALTWQFNSGGDCSDTYSNQMYGMQALKGQNDQSGGKGGMVSVNINHHHHHH
;
_entity_poly.pdbx_strand_id   A,B
#
loop_
_chem_comp.id
_chem_comp.type
_chem_comp.name
_chem_comp.formula
BMA D-saccharide, beta linking beta-D-mannopyranose 'C6 H12 O6'
#
# COMPACT_ATOMS: atom_id res chain seq x y z
N SER A 20 -8.89 -34.36 -1.03
CA SER A 20 -9.28 -35.52 -0.22
C SER A 20 -8.50 -35.54 1.10
N GLU A 21 -7.19 -35.80 1.01
CA GLU A 21 -6.33 -35.73 2.18
C GLU A 21 -5.70 -34.35 2.29
N PHE A 22 -5.96 -33.67 3.41
CA PHE A 22 -5.35 -32.38 3.69
C PHE A 22 -4.45 -32.52 4.90
N LEU A 23 -3.45 -31.63 5.01
CA LEU A 23 -2.57 -31.64 6.17
C LEU A 23 -3.39 -31.47 7.46
N LYS A 24 -3.23 -32.41 8.38
CA LYS A 24 -3.93 -32.37 9.65
C LYS A 24 -2.99 -31.98 10.78
N ALA A 25 -3.57 -31.55 11.89
CA ALA A 25 -2.80 -31.28 13.10
C ALA A 25 -3.35 -32.13 14.23
N SER A 26 -2.60 -33.14 14.66
CA SER A 26 -3.06 -34.02 15.69
C SER A 26 -2.04 -34.14 16.82
N GLY A 27 -2.50 -33.93 18.04
CA GLY A 27 -1.65 -33.98 19.20
C GLY A 27 -0.54 -32.95 19.13
N SER A 28 0.65 -33.38 18.75
CA SER A 28 1.80 -32.50 18.71
C SER A 28 2.42 -32.49 17.34
N ASN A 29 1.77 -33.15 16.39
CA ASN A 29 2.40 -33.35 15.09
C ASN A 29 1.49 -33.04 13.92
N PHE A 30 2.10 -32.65 12.81
CA PHE A 30 1.39 -32.52 11.55
C PHE A 30 1.28 -33.92 10.93
N TYR A 31 0.17 -34.19 10.25
CA TYR A 31 -0.02 -35.49 9.62
C TYR A 31 -0.60 -35.38 8.23
N TYR A 32 0.07 -35.98 7.25
CA TYR A 32 -0.54 -36.16 5.94
C TYR A 32 -0.72 -37.65 5.66
N GLY A 33 -1.95 -38.03 5.37
CA GLY A 33 -2.29 -39.43 5.09
C GLY A 33 -1.84 -40.37 6.20
N GLY A 34 -1.96 -39.91 7.44
CA GLY A 34 -1.54 -40.71 8.59
C GLY A 34 -0.08 -40.51 8.95
N GLN A 35 0.76 -40.35 7.93
CA GLN A 35 2.19 -40.18 8.14
C GLN A 35 2.50 -38.82 8.74
N LYS A 36 3.22 -38.78 9.86
CA LYS A 36 3.67 -37.53 10.45
C LYS A 36 4.62 -36.78 9.54
N VAL A 37 4.34 -35.48 9.36
CA VAL A 37 5.05 -34.63 8.42
C VAL A 37 5.85 -33.53 9.13
N PHE A 38 7.01 -33.20 8.59
CA PHE A 38 7.82 -32.07 9.06
C PHE A 38 7.86 -31.00 7.96
N LEU A 39 7.45 -29.79 8.31
CA LEU A 39 7.41 -28.69 7.34
C LEU A 39 8.79 -28.06 7.14
N SER A 40 9.43 -28.40 6.04
CA SER A 40 10.74 -27.87 5.72
C SER A 40 10.67 -26.97 4.49
N GLY A 41 10.98 -25.70 4.68
CA GLY A 41 10.93 -24.77 3.56
C GLY A 41 11.39 -23.36 3.88
N VAL A 42 10.88 -22.40 3.12
CA VAL A 42 11.30 -21.02 3.23
C VAL A 42 10.12 -20.07 3.39
N ASN A 43 10.41 -18.86 3.82
CA ASN A 43 9.49 -17.76 3.63
C ASN A 43 9.72 -17.16 2.26
N PHE A 44 8.72 -17.17 1.39
CA PHE A 44 8.73 -16.26 0.27
C PHE A 44 8.57 -14.92 0.93
N ALA A 45 7.59 -14.90 1.83
CA ALA A 45 6.99 -13.70 2.39
C ALA A 45 6.37 -12.85 1.30
N TRP A 46 7.14 -12.50 0.27
CA TRP A 46 6.61 -11.79 -0.89
C TRP A 46 7.57 -11.70 -2.07
N ARG A 47 7.00 -11.34 -3.22
CA ARG A 47 7.76 -10.89 -4.38
C ARG A 47 7.62 -9.37 -4.46
N SER A 48 6.38 -8.91 -4.39
CA SER A 48 6.07 -7.49 -4.25
C SER A 48 5.31 -7.28 -2.96
N TYR A 49 5.89 -6.51 -2.05
CA TYR A 49 5.33 -6.34 -0.72
C TYR A 49 3.89 -5.84 -0.70
N GLY A 50 2.96 -6.75 -0.44
CA GLY A 50 1.56 -6.39 -0.28
C GLY A 50 0.77 -6.33 -1.57
N SER A 51 1.43 -6.59 -2.70
CA SER A 51 0.75 -6.56 -3.97
C SER A 51 1.12 -7.75 -4.85
N ASP A 52 1.24 -8.92 -4.24
CA ASP A 52 1.50 -10.16 -4.98
C ASP A 52 0.21 -10.71 -5.57
N PHE A 53 -0.88 -10.52 -4.86
CA PHE A 53 -2.19 -10.96 -5.33
C PHE A 53 -3.19 -9.82 -5.25
N GLY A 54 -4.16 -9.80 -6.15
CA GLY A 54 -5.18 -8.76 -6.17
C GLY A 54 -4.84 -7.62 -7.10
N ASN A 55 -5.88 -6.90 -7.54
CA ASN A 55 -5.74 -5.77 -8.47
C ASN A 55 -4.91 -6.13 -9.70
N GLY A 56 -5.09 -7.33 -10.21
CA GLY A 56 -4.40 -7.78 -11.41
C GLY A 56 -2.88 -7.73 -11.30
N GLN A 57 -2.38 -7.75 -10.07
CA GLN A 57 -0.95 -7.67 -9.83
C GLN A 57 -0.29 -9.04 -9.90
N TYR A 58 -1.12 -10.08 -9.84
CA TYR A 58 -0.62 -11.46 -9.87
C TYR A 58 0.01 -11.79 -11.21
N ALA A 59 -0.36 -11.05 -12.25
CA ALA A 59 0.21 -11.25 -13.57
C ALA A 59 1.69 -10.87 -13.58
N SER A 60 2.06 -9.97 -12.67
CA SER A 60 3.41 -9.45 -12.60
C SER A 60 4.31 -10.31 -11.72
N ASN A 61 3.78 -10.73 -10.58
CA ASN A 61 4.57 -11.47 -9.59
C ASN A 61 4.52 -12.98 -9.78
N GLY A 62 3.36 -13.48 -10.19
CA GLY A 62 3.12 -14.90 -10.43
C GLY A 62 4.28 -15.78 -10.88
N PRO A 63 4.85 -15.48 -12.06
CA PRO A 63 5.96 -16.26 -12.60
C PRO A 63 7.10 -16.46 -11.59
N ALA A 64 7.51 -15.38 -10.94
CA ALA A 64 8.58 -15.44 -9.94
C ALA A 64 8.20 -16.37 -8.79
N LEU A 65 7.01 -16.19 -8.25
CA LEU A 65 6.55 -17.01 -7.13
C LEU A 65 6.53 -18.49 -7.48
N LYS A 66 5.99 -18.80 -8.66
CA LYS A 66 5.97 -20.17 -9.15
C LYS A 66 7.37 -20.75 -9.23
N ASP A 67 8.28 -20.01 -9.86
CA ASP A 67 9.68 -20.42 -9.97
C ASP A 67 10.30 -20.67 -8.59
N TRP A 68 9.94 -19.84 -7.64
CA TRP A 68 10.42 -20.00 -6.27
C TRP A 68 9.91 -21.32 -5.68
N ILE A 69 8.65 -21.65 -5.96
CA ILE A 69 8.10 -22.93 -5.54
C ILE A 69 8.93 -24.06 -6.14
N ASN A 70 9.30 -23.90 -7.42
CA ASN A 70 10.20 -24.85 -8.06
C ASN A 70 11.48 -25.07 -7.27
N LYS A 71 12.19 -23.97 -6.98
CA LYS A 71 13.43 -24.05 -6.21
C LYS A 71 13.21 -24.76 -4.88
N VAL A 72 12.11 -24.40 -4.21
CA VAL A 72 11.73 -25.00 -2.95
C VAL A 72 11.66 -26.52 -3.07
N LYS A 73 10.94 -27.02 -4.07
CA LYS A 73 10.80 -28.47 -4.21
C LYS A 73 12.11 -29.14 -4.61
N ALA A 74 12.81 -28.56 -5.57
CA ALA A 74 14.07 -29.12 -6.05
C ALA A 74 15.09 -29.25 -4.92
N SER A 75 15.02 -28.33 -3.96
CA SER A 75 15.91 -28.39 -2.80
C SER A 75 15.40 -29.38 -1.75
N GLY A 76 14.26 -30.00 -2.03
CA GLY A 76 13.73 -31.03 -1.16
C GLY A 76 12.96 -30.50 0.03
N GLY A 77 12.14 -29.47 -0.23
CA GLY A 77 11.29 -28.89 0.80
C GLY A 77 9.83 -29.09 0.50
N ASN A 78 8.96 -28.73 1.44
CA ASN A 78 7.53 -28.97 1.27
C ASN A 78 6.63 -27.77 1.56
N THR A 79 7.22 -26.68 2.06
CA THR A 79 6.41 -25.55 2.51
C THR A 79 6.95 -24.19 2.06
N ALA A 80 6.03 -23.30 1.71
CA ALA A 80 6.37 -21.89 1.50
C ALA A 80 5.38 -21.01 2.26
N ARG A 81 5.92 -20.04 3.00
CA ARG A 81 5.09 -19.11 3.74
C ARG A 81 4.95 -17.79 2.97
N VAL A 82 3.72 -17.48 2.56
CA VAL A 82 3.47 -16.31 1.73
C VAL A 82 2.46 -15.34 2.36
N TRP A 83 2.81 -14.06 2.37
CA TRP A 83 1.93 -13.03 2.92
C TRP A 83 0.90 -12.57 1.90
N VAL A 84 -0.26 -12.12 2.38
CA VAL A 84 -1.36 -11.75 1.48
C VAL A 84 -1.78 -10.29 1.66
N HIS A 85 -2.63 -10.03 2.64
CA HIS A 85 -3.16 -8.68 2.86
C HIS A 85 -2.05 -7.71 3.26
N VAL A 86 -1.18 -8.16 4.14
CA VAL A 86 -0.05 -7.36 4.63
C VAL A 86 -0.53 -6.05 5.26
N GLU A 87 -0.43 -4.94 4.51
CA GLU A 87 -0.77 -3.65 5.08
C GLU A 87 -1.86 -2.91 4.29
N GLY A 88 -2.77 -3.67 3.69
CA GLY A 88 -3.92 -3.09 3.02
C GLY A 88 -3.59 -2.37 1.73
N GLN A 89 -2.40 -2.59 1.19
CA GLN A 89 -1.98 -1.90 -0.02
C GLN A 89 -2.80 -2.34 -1.23
N VAL A 90 -3.37 -3.54 -1.15
CA VAL A 90 -4.20 -4.09 -2.20
C VAL A 90 -5.32 -4.91 -1.56
N SER A 91 -5.09 -5.35 -0.33
CA SER A 91 -5.95 -6.34 0.29
C SER A 91 -6.18 -6.04 1.76
N PRO A 92 -7.45 -6.01 2.19
CA PRO A 92 -8.64 -6.12 1.36
C PRO A 92 -9.15 -4.74 0.91
N ALA A 93 -10.22 -4.73 0.13
CA ALA A 93 -10.78 -3.47 -0.39
C ALA A 93 -11.70 -2.81 0.64
N PHE A 94 -11.37 -1.58 1.01
CA PHE A 94 -12.18 -0.80 1.95
C PHE A 94 -12.99 0.26 1.23
N ASP A 95 -14.12 0.67 1.81
CA ASP A 95 -14.86 1.80 1.26
C ASP A 95 -14.39 3.09 1.89
N SER A 96 -15.19 4.15 1.75
CA SER A 96 -14.85 5.45 2.29
C SER A 96 -14.93 5.47 3.81
N HIS A 97 -15.74 4.57 4.37
CA HIS A 97 -15.99 4.57 5.80
C HIS A 97 -15.10 3.59 6.56
N GLY A 98 -14.30 2.83 5.82
CA GLY A 98 -13.40 1.87 6.43
C GLY A 98 -13.98 0.48 6.54
N PHE A 99 -15.14 0.27 5.93
CA PHE A 99 -15.74 -1.05 5.87
C PHE A 99 -15.22 -1.80 4.64
N VAL A 100 -15.11 -3.12 4.75
CA VAL A 100 -14.60 -3.93 3.65
C VAL A 100 -15.70 -4.28 2.67
N THR A 101 -15.41 -4.09 1.38
CA THR A 101 -16.39 -4.36 0.33
C THR A 101 -16.06 -5.63 -0.42
N SER A 102 -14.78 -5.86 -0.68
CA SER A 102 -14.35 -7.03 -1.44
C SER A 102 -12.92 -7.42 -1.12
N THR A 103 -12.45 -8.49 -1.75
CA THR A 103 -11.06 -8.93 -1.56
C THR A 103 -10.10 -7.89 -2.08
N ASP A 104 -10.35 -7.41 -3.29
CA ASP A 104 -9.61 -6.29 -3.86
C ASP A 104 -10.52 -5.54 -4.83
N SER A 105 -10.08 -4.36 -5.29
CA SER A 105 -10.91 -3.52 -6.12
C SER A 105 -11.28 -4.19 -7.45
N LYS A 106 -10.35 -4.97 -8.00
CA LYS A 106 -10.58 -5.67 -9.25
C LYS A 106 -11.17 -7.06 -9.03
N LYS A 107 -11.35 -7.42 -7.76
CA LYS A 107 -11.88 -8.72 -7.37
C LYS A 107 -11.19 -9.88 -8.09
N THR A 108 -9.87 -10.00 -7.90
CA THR A 108 -9.09 -11.05 -8.55
C THR A 108 -8.28 -11.88 -7.55
N LEU A 109 -8.28 -11.45 -6.29
CA LEU A 109 -7.45 -12.06 -5.24
C LEU A 109 -7.64 -13.57 -5.13
N ILE A 110 -8.88 -14.00 -5.02
CA ILE A 110 -9.21 -15.41 -4.90
C ILE A 110 -8.68 -16.22 -6.08
N ASN A 111 -8.84 -15.71 -7.29
CA ASN A 111 -8.35 -16.39 -8.48
C ASN A 111 -6.84 -16.56 -8.48
N ASP A 112 -6.14 -15.53 -8.03
CA ASP A 112 -4.69 -15.53 -7.96
C ASP A 112 -4.18 -16.56 -6.95
N LEU A 113 -4.71 -16.46 -5.74
CA LEU A 113 -4.35 -17.40 -4.68
C LEU A 113 -4.64 -18.82 -5.11
N SER A 114 -5.84 -19.05 -5.65
CA SER A 114 -6.24 -20.35 -6.15
C SER A 114 -5.24 -20.90 -7.16
N ASP A 115 -4.84 -20.04 -8.09
CA ASP A 115 -3.85 -20.41 -9.09
C ASP A 115 -2.54 -20.87 -8.45
N LEU A 116 -2.01 -20.04 -7.55
CA LEU A 116 -0.74 -20.35 -6.90
C LEU A 116 -0.83 -21.65 -6.10
N LEU A 117 -2.00 -21.89 -5.48
CA LEU A 117 -2.23 -23.11 -4.73
C LEU A 117 -2.19 -24.31 -5.67
N ASP A 118 -2.79 -24.18 -6.84
CA ASP A 118 -2.74 -25.23 -7.85
C ASP A 118 -1.31 -25.58 -8.23
N TYR A 119 -0.52 -24.55 -8.50
CA TYR A 119 0.87 -24.78 -8.89
C TYR A 119 1.66 -25.45 -7.78
N ALA A 120 1.51 -24.91 -6.58
CA ALA A 120 2.18 -25.44 -5.40
C ALA A 120 1.84 -26.91 -5.22
N ASN A 121 0.58 -27.26 -5.41
CA ASN A 121 0.16 -28.66 -5.37
C ASN A 121 0.90 -29.48 -6.41
N GLY A 122 0.87 -29.00 -7.65
CA GLY A 122 1.55 -29.67 -8.74
C GLY A 122 3.03 -29.90 -8.47
N GLN A 123 3.60 -29.08 -7.58
CA GLN A 123 4.99 -29.24 -7.20
C GLN A 123 5.15 -29.81 -5.79
N ASN A 124 4.09 -30.42 -5.27
CA ASN A 124 4.09 -31.05 -3.96
C ASN A 124 4.56 -30.11 -2.85
N VAL A 125 4.06 -28.89 -2.85
CA VAL A 125 4.48 -27.88 -1.87
C VAL A 125 3.28 -27.29 -1.14
N PHE A 126 3.35 -27.27 0.18
CA PHE A 126 2.31 -26.64 0.99
C PHE A 126 2.53 -25.14 1.08
N LEU A 127 1.45 -24.41 1.32
CA LEU A 127 1.52 -22.97 1.48
C LEU A 127 0.88 -22.51 2.78
N ILE A 128 1.52 -21.55 3.44
CA ILE A 128 0.94 -20.93 4.63
C ILE A 128 0.60 -19.48 4.33
N LEU A 129 -0.68 -19.21 4.09
CA LEU A 129 -1.14 -17.88 3.72
C LEU A 129 -1.25 -16.96 4.94
N VAL A 130 -0.32 -16.01 5.05
CA VAL A 130 -0.36 -15.03 6.13
C VAL A 130 -1.22 -13.84 5.72
N LEU A 131 -2.32 -13.65 6.43
CA LEU A 131 -3.26 -12.57 6.10
C LEU A 131 -2.63 -11.21 6.35
N PHE A 132 -2.69 -10.74 7.58
CA PHE A 132 -2.20 -9.41 7.91
C PHE A 132 -0.82 -9.41 8.54
N ASN A 133 -0.07 -8.34 8.31
CA ASN A 133 1.19 -8.12 9.01
C ASN A 133 0.91 -7.51 10.37
N GLY A 134 1.81 -7.71 11.33
CA GLY A 134 1.65 -7.17 12.66
C GLY A 134 2.91 -6.51 13.18
N ALA A 135 4.04 -6.84 12.57
CA ALA A 135 5.30 -6.19 12.89
C ALA A 135 5.15 -4.70 12.62
N LEU A 136 4.58 -4.42 11.45
CA LEU A 136 4.22 -3.07 11.04
C LEU A 136 2.79 -3.12 10.52
N GLN A 137 2.00 -2.09 10.81
CA GLN A 137 0.67 -1.96 10.25
C GLN A 137 0.29 -0.50 10.13
N ASN A 138 0.82 0.16 9.12
CA ASN A 138 0.60 1.59 8.94
C ASN A 138 -0.56 1.90 8.00
N ASN A 139 -1.65 1.17 8.17
CA ASN A 139 -2.88 1.40 7.41
C ASN A 139 -4.03 1.64 8.38
N SER A 140 -4.64 2.82 8.31
CA SER A 140 -5.63 3.23 9.30
C SER A 140 -6.88 2.35 9.28
N ASN A 141 -7.18 1.76 8.13
CA ASN A 141 -8.35 0.89 8.00
C ASN A 141 -8.12 -0.46 8.64
N VAL A 142 -6.98 -1.07 8.34
CA VAL A 142 -6.58 -2.33 8.95
C VAL A 142 -6.46 -2.17 10.47
N GLN A 143 -5.83 -1.08 10.90
CA GLN A 143 -5.67 -0.79 12.31
C GLN A 143 -7.02 -0.74 13.04
N ASN A 144 -8.06 -0.34 12.34
CA ASN A 144 -9.38 -0.25 12.96
C ASN A 144 -10.12 -1.58 12.99
N LEU A 145 -9.59 -2.57 12.29
CA LEU A 145 -10.16 -3.91 12.31
C LEU A 145 -10.02 -4.54 13.69
N PHE A 146 -9.06 -4.04 14.47
CA PHE A 146 -8.82 -4.54 15.81
C PHE A 146 -9.78 -3.90 16.81
N TRP A 147 -10.23 -2.69 16.50
CA TRP A 147 -11.05 -1.93 17.43
C TRP A 147 -12.54 -2.00 17.11
N ASP A 148 -12.89 -1.82 15.84
CA ASP A 148 -14.29 -1.82 15.44
C ASP A 148 -14.77 -3.22 15.09
N GLU A 149 -15.81 -3.67 15.78
CA GLU A 149 -16.36 -5.00 15.55
C GLU A 149 -17.09 -5.09 14.22
N SER A 150 -17.75 -3.99 13.83
CA SER A 150 -18.54 -3.98 12.61
C SER A 150 -17.66 -3.93 11.36
N LYS A 151 -16.50 -3.30 11.48
CA LYS A 151 -15.55 -3.27 10.39
C LYS A 151 -14.85 -4.62 10.25
N LEU A 152 -14.50 -5.23 11.39
CA LEU A 152 -13.92 -6.57 11.37
C LEU A 152 -14.90 -7.55 10.78
N ASN A 153 -16.16 -7.41 11.17
CA ASN A 153 -17.24 -8.23 10.62
C ASN A 153 -17.40 -7.98 9.13
N SER A 154 -17.16 -6.74 8.71
CA SER A 154 -17.26 -6.42 7.28
C SER A 154 -16.16 -7.15 6.53
N TYR A 155 -14.97 -7.20 7.13
CA TYR A 155 -13.85 -7.94 6.53
C TYR A 155 -14.15 -9.43 6.44
N ILE A 156 -14.70 -9.98 7.51
CA ILE A 156 -15.07 -11.39 7.55
C ILE A 156 -16.09 -11.74 6.48
N ASN A 157 -17.19 -10.98 6.47
CA ASN A 157 -18.32 -11.25 5.60
C ASN A 157 -18.04 -11.02 4.12
N ASN A 158 -17.32 -9.95 3.81
CA ASN A 158 -17.14 -9.55 2.43
C ASN A 158 -15.82 -9.99 1.80
N ALA A 159 -14.82 -10.29 2.64
CA ALA A 159 -13.51 -10.67 2.12
C ALA A 159 -13.10 -12.09 2.53
N LEU A 160 -12.95 -12.32 3.83
CA LEU A 160 -12.35 -13.55 4.34
C LEU A 160 -13.17 -14.80 4.04
N THR A 161 -14.43 -14.79 4.46
CA THR A 161 -15.31 -15.94 4.27
C THR A 161 -15.36 -16.40 2.80
N PRO A 162 -15.45 -15.46 1.83
CA PRO A 162 -15.33 -15.92 0.44
C PRO A 162 -14.00 -16.59 0.10
N MET A 163 -12.90 -16.04 0.63
CA MET A 163 -11.58 -16.60 0.39
C MET A 163 -11.47 -18.03 0.93
N VAL A 164 -11.88 -18.21 2.17
CA VAL A 164 -11.80 -19.51 2.82
C VAL A 164 -12.74 -20.50 2.15
N ASN A 165 -13.95 -20.04 1.81
CA ASN A 165 -14.92 -20.90 1.15
C ASN A 165 -14.47 -21.34 -0.23
N ALA A 166 -13.76 -20.46 -0.93
CA ALA A 166 -13.32 -20.75 -2.29
C ALA A 166 -12.06 -21.59 -2.31
N LEU A 167 -11.23 -21.45 -1.28
CA LEU A 167 -9.91 -22.10 -1.29
C LEU A 167 -9.81 -23.34 -0.39
N LYS A 168 -10.91 -23.71 0.26
CA LYS A 168 -10.89 -24.79 1.24
C LYS A 168 -10.86 -26.19 0.62
N SER A 169 -10.96 -26.27 -0.70
CA SER A 169 -10.90 -27.56 -1.36
C SER A 169 -9.51 -27.80 -1.94
N LYS A 170 -8.57 -26.97 -1.51
CA LYS A 170 -7.22 -27.03 -2.04
C LYS A 170 -6.22 -27.58 -1.04
N PRO A 171 -5.72 -28.80 -1.29
CA PRO A 171 -4.50 -29.25 -0.63
C PRO A 171 -3.35 -28.33 -1.05
N SER A 172 -2.24 -28.37 -0.33
CA SER A 172 -1.13 -27.42 -0.44
C SER A 172 -1.47 -26.13 0.31
N LEU A 173 -2.75 -25.94 0.59
CA LEU A 173 -3.15 -24.90 1.53
C LEU A 173 -3.12 -25.51 2.92
N ALA A 174 -1.93 -25.55 3.50
CA ALA A 174 -1.75 -26.08 4.84
C ALA A 174 -1.51 -24.94 5.81
N ALA A 175 -2.62 -24.29 6.18
CA ALA A 175 -2.76 -23.28 7.26
C ALA A 175 -2.99 -21.84 6.78
N TRP A 176 -3.84 -21.16 7.53
CA TRP A 176 -4.02 -19.72 7.45
C TRP A 176 -3.37 -19.06 8.66
N GLU A 177 -2.43 -18.16 8.44
CA GLU A 177 -1.90 -17.38 9.54
C GLU A 177 -2.61 -16.03 9.62
N VAL A 178 -3.35 -15.84 10.70
CA VAL A 178 -4.12 -14.61 10.92
C VAL A 178 -3.22 -13.39 11.02
N LEU A 179 -2.24 -13.44 11.92
CA LEU A 179 -1.40 -12.28 12.17
C LEU A 179 0.07 -12.64 12.31
N ASN A 180 0.92 -11.87 11.64
CA ASN A 180 2.37 -12.05 11.74
C ASN A 180 2.99 -11.12 12.77
N GLU A 181 3.55 -11.71 13.82
CA GLU A 181 4.22 -10.96 14.89
C GLU A 181 3.36 -9.87 15.50
N PRO A 182 2.25 -10.25 16.15
CA PRO A 182 1.31 -9.32 16.77
C PRO A 182 1.94 -8.43 17.85
N GLU A 183 3.21 -8.69 18.17
CA GLU A 183 3.89 -7.94 19.22
C GLU A 183 4.60 -6.72 18.64
N GLY A 184 4.70 -6.68 17.32
CA GLY A 184 5.28 -5.53 16.64
C GLY A 184 4.49 -4.27 16.87
N THR A 185 3.17 -4.41 16.87
CA THR A 185 2.28 -3.28 17.09
C THR A 185 1.45 -3.49 18.36
N LEU A 186 2.07 -4.07 19.36
CA LEU A 186 1.42 -4.31 20.65
C LEU A 186 1.58 -3.10 21.56
N GLN A 187 0.54 -2.80 22.33
CA GLN A 187 0.63 -1.79 23.37
C GLN A 187 0.76 -2.48 24.73
N PRO A 188 2.01 -2.69 25.18
CA PRO A 188 2.28 -3.46 26.39
C PRO A 188 1.72 -2.79 27.64
N GLY A 189 1.04 -3.57 28.49
CA GLY A 189 0.45 -3.03 29.70
C GLY A 189 0.06 -4.08 30.72
N SER A 190 -0.24 -3.63 31.94
CA SER A 190 -0.63 -4.52 33.03
C SER A 190 -2.11 -4.87 32.93
N ASP A 191 -2.48 -6.05 33.45
CA ASP A 191 -3.87 -6.48 33.48
C ASP A 191 -4.03 -7.72 34.34
N GLN A 192 -5.04 -7.71 35.20
CA GLN A 192 -5.29 -8.84 36.10
C GLN A 192 -5.36 -10.17 35.37
N ASN A 193 -6.07 -10.20 34.25
CA ASN A 193 -6.18 -11.42 33.44
C ASN A 193 -4.82 -11.80 32.90
N SER A 194 -4.39 -13.03 33.20
CA SER A 194 -3.11 -13.56 32.75
C SER A 194 -2.87 -13.32 31.27
N CYS A 195 -3.85 -13.64 30.45
CA CYS A 195 -3.72 -13.59 29.00
C CYS A 195 -3.42 -12.20 28.45
N TYR A 196 -3.93 -11.16 29.11
CA TYR A 196 -3.83 -9.81 28.56
C TYR A 196 -2.63 -9.06 29.09
N ASP A 197 -2.14 -9.46 30.27
CA ASP A 197 -1.00 -8.79 30.88
C ASP A 197 0.22 -8.88 29.98
N THR A 198 0.93 -7.76 29.86
CA THR A 198 2.07 -7.66 28.95
C THR A 198 3.20 -6.89 29.61
N SER A 199 3.19 -6.88 30.94
CA SER A 199 4.07 -6.03 31.76
C SER A 199 5.55 -6.14 31.41
N THR A 200 5.96 -7.31 30.93
CA THR A 200 7.37 -7.61 30.71
C THR A 200 7.84 -7.25 29.31
N LEU A 201 6.92 -7.29 28.34
CA LEU A 201 7.27 -7.25 26.93
C LEU A 201 7.88 -5.92 26.46
N ALA A 202 7.63 -4.85 27.21
CA ALA A 202 8.14 -3.54 26.84
C ALA A 202 9.67 -3.52 26.80
N ALA A 203 10.29 -4.03 27.87
CA ALA A 203 11.74 -4.03 27.97
C ALA A 203 12.38 -5.03 27.01
N GLN A 204 11.60 -6.00 26.56
CA GLN A 204 12.10 -7.03 25.67
C GLN A 204 12.14 -6.54 24.21
N GLY A 205 11.54 -5.39 23.95
CA GLY A 205 11.60 -4.78 22.64
C GLY A 205 10.33 -4.92 21.81
N ALA A 206 9.21 -5.16 22.48
CA ALA A 206 7.93 -5.28 21.78
C ALA A 206 7.34 -3.90 21.51
N GLY A 207 6.56 -3.80 20.43
CA GLY A 207 5.97 -2.54 20.04
C GLY A 207 6.92 -1.70 19.22
N TRP A 208 7.82 -2.36 18.51
CA TRP A 208 8.83 -1.68 17.71
C TRP A 208 8.21 -1.05 16.46
N GLY A 209 6.98 -1.45 16.16
CA GLY A 209 6.26 -0.91 15.02
C GLY A 209 5.23 0.11 15.45
N GLY A 210 5.26 0.49 16.72
CA GLY A 210 4.30 1.43 17.27
C GLY A 210 3.29 0.74 18.15
N LYS A 211 3.10 1.26 19.36
CA LYS A 211 2.21 0.62 20.33
C LYS A 211 0.75 1.00 20.10
N LYS A 212 0.08 0.25 19.24
CA LYS A 212 -1.30 0.56 18.86
C LYS A 212 -2.32 -0.33 19.57
N PHE A 213 -2.10 -1.63 19.54
CA PHE A 213 -3.10 -2.58 20.03
C PHE A 213 -2.72 -3.27 21.33
N PRO A 214 -3.51 -3.03 22.39
CA PRO A 214 -3.39 -3.80 23.63
C PRO A 214 -3.67 -5.28 23.37
N MET A 215 -3.07 -6.16 24.17
CA MET A 215 -3.16 -7.60 23.94
C MET A 215 -4.60 -8.10 23.81
N LYS A 216 -5.49 -7.53 24.61
CA LYS A 216 -6.90 -7.89 24.58
C LYS A 216 -7.50 -7.74 23.18
N GLN A 217 -7.12 -6.67 22.48
CA GLN A 217 -7.63 -6.38 21.15
C GLN A 217 -7.07 -7.35 20.10
N ILE A 218 -5.80 -7.68 20.23
CA ILE A 218 -5.16 -8.63 19.33
C ILE A 218 -5.76 -10.02 19.48
N LEU A 219 -5.95 -10.43 20.72
CA LEU A 219 -6.54 -11.73 21.02
C LEU A 219 -7.99 -11.79 20.58
N LYS A 220 -8.70 -10.67 20.70
CA LYS A 220 -10.07 -10.58 20.23
C LYS A 220 -10.14 -10.74 18.70
N THR A 221 -9.30 -9.96 18.03
CA THR A 221 -9.22 -9.98 16.58
C THR A 221 -8.95 -11.39 16.09
N ILE A 222 -7.81 -11.93 16.52
CA ILE A 222 -7.42 -13.28 16.15
C ILE A 222 -8.53 -14.28 16.47
N ASN A 223 -9.21 -14.07 17.59
CA ASN A 223 -10.26 -14.95 18.05
C ASN A 223 -11.17 -15.07 16.89
N TRP A 224 -11.67 -13.91 16.50
CA TRP A 224 -12.77 -13.79 15.57
C TRP A 224 -12.44 -14.22 14.13
N ILE A 225 -11.26 -13.82 13.67
CA ILE A 225 -10.76 -14.25 12.37
C ILE A 225 -10.73 -15.77 12.31
N SER A 226 -10.03 -16.38 13.27
CA SER A 226 -9.91 -17.83 13.34
C SER A 226 -11.28 -18.50 13.40
N SER A 227 -12.16 -17.95 14.23
CA SER A 227 -13.52 -18.40 14.34
C SER A 227 -14.14 -18.51 12.97
N ALA A 228 -14.16 -17.38 12.24
CA ALA A 228 -14.72 -17.34 10.89
C ALA A 228 -14.11 -18.39 9.97
N ILE A 229 -12.78 -18.41 9.89
CA ILE A 229 -12.06 -19.37 9.05
C ILE A 229 -12.50 -20.80 9.34
N HIS A 230 -12.71 -21.11 10.61
CA HIS A 230 -13.12 -22.47 11.00
C HIS A 230 -14.60 -22.73 10.74
N ASN A 231 -15.41 -21.69 10.83
CA ASN A 231 -16.84 -21.80 10.51
C ASN A 231 -17.02 -22.13 9.04
N ALA A 232 -16.18 -21.52 8.21
CA ALA A 232 -16.24 -21.77 6.77
C ALA A 232 -15.49 -23.03 6.40
N ASP A 233 -14.44 -23.34 7.15
CA ASP A 233 -13.63 -24.53 6.89
C ASP A 233 -13.26 -25.22 8.21
N SER A 234 -14.00 -26.28 8.53
CA SER A 234 -13.82 -26.99 9.79
C SER A 234 -12.42 -27.60 9.94
N LYS A 235 -11.82 -27.99 8.83
CA LYS A 235 -10.52 -28.66 8.85
C LYS A 235 -9.36 -27.68 8.97
N ALA A 236 -9.57 -26.46 8.51
CA ALA A 236 -8.49 -25.48 8.33
C ALA A 236 -7.61 -25.30 9.56
N LEU A 237 -6.31 -25.16 9.32
CA LEU A 237 -5.36 -24.94 10.39
C LEU A 237 -5.02 -23.46 10.50
N VAL A 238 -5.33 -22.86 11.64
CA VAL A 238 -5.07 -21.44 11.81
C VAL A 238 -3.89 -21.27 12.76
N THR A 239 -3.08 -20.23 12.55
CA THR A 239 -1.90 -20.02 13.38
C THR A 239 -1.54 -18.55 13.54
N VAL A 240 -0.62 -18.29 14.45
CA VAL A 240 -0.05 -16.97 14.65
C VAL A 240 1.47 -17.11 14.74
N GLY A 241 2.20 -16.24 14.06
CA GLY A 241 3.65 -16.31 14.06
C GLY A 241 4.27 -15.20 14.86
N SER A 242 4.80 -15.53 16.04
CA SER A 242 5.26 -14.51 16.97
C SER A 242 6.75 -14.18 16.88
N TRP A 243 7.03 -12.88 16.96
CA TRP A 243 8.34 -12.41 17.36
C TRP A 243 8.75 -13.17 18.61
N SER A 244 9.93 -13.80 18.58
CA SER A 244 10.49 -14.50 19.74
C SER A 244 9.56 -15.55 20.36
N GLU A 245 10.05 -16.16 21.44
CA GLU A 245 9.36 -17.27 22.08
C GLU A 245 8.71 -16.82 23.38
N LEU A 246 8.96 -15.57 23.74
CA LEU A 246 8.50 -15.04 25.03
C LEU A 246 6.99 -14.94 25.09
N THR A 247 6.33 -15.26 23.98
CA THR A 247 4.91 -14.96 23.87
C THR A 247 4.09 -16.24 23.73
N GLN A 248 4.74 -17.35 23.36
CA GLN A 248 4.01 -18.60 23.17
C GLN A 248 4.52 -19.80 23.98
N THR A 249 4.89 -19.55 25.23
CA THR A 249 5.24 -20.64 26.15
C THR A 249 5.01 -20.23 27.61
N ASP A 250 4.59 -21.20 28.41
CA ASP A 250 4.29 -20.95 29.82
C ASP A 250 5.51 -21.22 30.69
N SER A 251 6.49 -21.89 30.10
CA SER A 251 7.74 -22.19 30.79
C SER A 251 8.57 -20.94 31.00
N PHE A 252 9.68 -21.08 31.71
CA PHE A 252 10.66 -20.02 31.90
C PHE A 252 10.09 -18.74 32.52
N GLY A 253 8.90 -18.84 33.08
CA GLY A 253 8.24 -17.68 33.66
C GLY A 253 7.57 -16.83 32.60
N TYR A 254 7.73 -17.24 31.34
CA TYR A 254 7.09 -16.55 30.22
C TYR A 254 5.58 -16.73 30.25
N ARG A 255 4.90 -16.40 29.16
CA ARG A 255 3.47 -16.60 29.08
C ARG A 255 3.02 -16.98 27.67
N ASN A 256 2.04 -17.86 27.58
CA ASN A 256 1.52 -18.31 26.29
C ASN A 256 0.15 -17.68 26.05
N HIS A 257 0.13 -16.58 25.30
CA HIS A 257 -1.09 -15.80 25.08
C HIS A 257 -2.05 -16.41 24.06
N TYR A 258 -1.53 -17.13 23.08
CA TYR A 258 -2.35 -17.53 21.95
C TYR A 258 -2.91 -18.95 22.06
N LYS A 259 -2.96 -19.46 23.28
CA LYS A 259 -3.58 -20.76 23.51
C LYS A 259 -5.09 -20.59 23.59
N ASP A 260 -5.81 -21.69 23.59
CA ASP A 260 -7.28 -21.67 23.50
C ASP A 260 -7.95 -20.76 24.52
N SER A 261 -7.63 -20.95 25.79
CA SER A 261 -8.30 -20.27 26.89
C SER A 261 -8.26 -18.74 26.74
N CYS A 262 -7.13 -18.20 26.32
CA CYS A 262 -6.97 -16.76 26.18
C CYS A 262 -7.75 -16.20 24.99
N LEU A 263 -7.53 -16.79 23.82
CA LEU A 263 -8.24 -16.40 22.61
C LEU A 263 -9.74 -16.42 22.85
N THR A 264 -10.27 -17.59 23.20
CA THR A 264 -11.68 -17.75 23.54
C THR A 264 -12.08 -16.75 24.63
N GLY A 265 -11.14 -16.44 25.52
CA GLY A 265 -11.39 -15.49 26.59
C GLY A 265 -11.62 -14.10 26.06
N ALA A 266 -11.09 -13.82 24.88
CA ALA A 266 -11.28 -12.52 24.24
C ALA A 266 -12.22 -12.63 23.05
N GLY A 267 -13.51 -12.75 23.32
CA GLY A 267 -14.50 -12.72 22.26
C GLY A 267 -15.20 -14.04 21.99
N GLY A 268 -15.65 -14.70 23.06
CA GLY A 268 -16.49 -15.88 23.00
C GLY A 268 -16.68 -16.70 21.73
N LYS A 269 -15.64 -16.84 20.91
CA LYS A 269 -15.74 -17.79 19.80
C LYS A 269 -14.95 -19.04 20.16
N SER A 270 -15.68 -20.06 20.58
CA SER A 270 -15.09 -21.30 21.08
C SER A 270 -14.10 -21.90 20.09
N ASN A 271 -14.43 -21.83 18.80
CA ASN A 271 -13.56 -22.37 17.76
C ASN A 271 -12.59 -21.31 17.23
N GLY A 272 -12.51 -20.18 17.93
CA GLY A 272 -11.59 -19.13 17.56
C GLY A 272 -10.21 -19.40 18.12
N ILE A 273 -9.61 -20.49 17.67
CA ILE A 273 -8.34 -20.94 18.21
C ILE A 273 -7.35 -21.30 17.11
N ILE A 274 -6.07 -21.14 17.40
CA ILE A 274 -5.03 -21.58 16.47
C ILE A 274 -4.85 -23.08 16.64
N ASN A 275 -4.33 -23.74 15.62
CA ASN A 275 -4.23 -25.19 15.63
C ASN A 275 -2.79 -25.67 15.76
N PHE A 276 -1.84 -24.76 15.55
CA PHE A 276 -0.45 -25.05 15.87
C PHE A 276 0.30 -23.76 16.17
N TYR A 277 1.04 -23.77 17.28
CA TYR A 277 1.81 -22.61 17.68
C TYR A 277 2.90 -22.32 16.67
N GLN A 278 3.57 -21.18 16.80
CA GLN A 278 4.66 -20.82 15.90
C GLN A 278 5.56 -19.75 16.50
N MET A 279 6.87 -19.99 16.43
CA MET A 279 7.85 -19.05 16.97
C MET A 279 8.84 -18.60 15.90
N HIS A 280 9.11 -17.30 15.87
CA HIS A 280 10.17 -16.74 15.03
C HIS A 280 11.39 -16.50 15.92
N THR A 281 12.58 -16.66 15.38
CA THR A 281 13.78 -16.45 16.18
C THR A 281 14.96 -15.91 15.38
N TYR A 282 15.63 -14.92 15.96
CA TYR A 282 16.80 -14.31 15.36
C TYR A 282 17.80 -13.99 16.46
N SER A 283 19.08 -13.94 16.13
CA SER A 283 20.10 -13.63 17.12
C SER A 283 20.37 -12.13 17.17
N HIS A 284 20.18 -11.55 18.35
CA HIS A 284 20.44 -10.13 18.55
C HIS A 284 21.87 -9.98 19.07
N SER A 285 22.74 -9.45 18.22
CA SER A 285 24.19 -9.32 18.45
C SER A 285 24.94 -10.64 18.21
N GLY A 286 24.34 -11.56 17.47
CA GLY A 286 24.95 -12.86 17.25
C GLY A 286 24.79 -13.76 18.46
N LYS A 287 23.92 -13.32 19.37
CA LYS A 287 23.58 -14.09 20.56
C LYS A 287 22.12 -14.49 20.54
N TRP A 288 21.86 -15.78 20.65
CA TRP A 288 20.49 -16.26 20.81
C TRP A 288 19.91 -15.65 22.07
N ASN A 289 18.60 -15.49 22.10
CA ASN A 289 17.93 -15.32 23.37
C ASN A 289 18.20 -16.59 24.14
N GLN A 290 18.44 -16.47 25.43
CA GLN A 290 18.88 -17.59 26.26
C GLN A 290 17.99 -18.82 26.11
N ASN A 291 16.70 -18.60 25.87
CA ASN A 291 15.73 -19.68 25.80
C ASN A 291 15.15 -19.83 24.39
N ALA A 292 15.86 -19.27 23.41
CA ALA A 292 15.45 -19.34 22.01
C ALA A 292 15.28 -20.79 21.56
N PRO A 293 14.45 -21.00 20.52
CA PRO A 293 14.18 -22.34 19.99
C PRO A 293 15.43 -23.20 19.71
N PHE A 294 16.56 -22.56 19.43
CA PHE A 294 17.78 -23.30 19.12
C PHE A 294 18.70 -23.48 20.33
N LYS A 295 18.24 -23.04 21.49
CA LYS A 295 18.99 -23.26 22.72
C LYS A 295 18.21 -24.14 23.69
N VAL A 296 17.14 -24.72 23.17
CA VAL A 296 16.21 -25.54 23.92
C VAL A 296 15.71 -26.58 22.91
N ASN A 297 14.73 -27.41 23.28
CA ASN A 297 14.01 -28.21 22.31
C ASN A 297 12.53 -27.85 22.38
N ARG A 298 11.74 -28.42 21.48
CA ARG A 298 10.29 -28.21 21.47
C ARG A 298 9.70 -28.50 22.85
N TRP A 299 10.16 -29.59 23.43
CA TRP A 299 9.56 -30.20 24.60
C TRP A 299 9.56 -29.33 25.85
N ALA A 300 10.58 -28.50 26.01
CA ALA A 300 10.64 -27.65 27.20
C ALA A 300 9.63 -26.52 27.13
N TYR A 301 9.16 -26.19 25.93
CA TYR A 301 8.19 -25.11 25.79
C TYR A 301 6.83 -25.57 26.30
N ASN A 302 6.73 -26.86 26.62
CA ASN A 302 5.55 -27.45 27.22
C ASN A 302 4.30 -27.10 26.43
N VAL A 303 4.36 -27.30 25.13
CA VAL A 303 3.22 -27.08 24.26
C VAL A 303 3.01 -28.30 23.36
N ASN A 304 2.69 -29.43 23.97
CA ASN A 304 2.50 -30.68 23.23
C ASN A 304 1.05 -30.86 22.81
N ASP A 305 0.19 -29.94 23.23
CA ASP A 305 -1.24 -29.99 22.90
C ASP A 305 -1.47 -29.62 21.44
N LYS A 306 -0.54 -28.87 20.88
CA LYS A 306 -0.58 -28.51 19.46
C LYS A 306 0.82 -28.59 18.88
N PRO A 307 0.93 -28.77 17.56
CA PRO A 307 2.24 -28.71 16.90
C PRO A 307 2.90 -27.35 17.10
N LEU A 308 4.21 -27.29 16.88
CA LEU A 308 4.96 -26.04 17.04
C LEU A 308 5.98 -25.88 15.92
N LEU A 309 5.76 -24.87 15.08
CA LEU A 309 6.62 -24.60 13.94
C LEU A 309 7.57 -23.44 14.21
N ILE A 310 8.82 -23.57 13.75
CA ILE A 310 9.72 -22.43 13.74
C ILE A 310 9.61 -21.73 12.39
N GLY A 311 8.55 -20.96 12.21
CA GLY A 311 8.46 -20.09 11.07
C GLY A 311 9.49 -19.01 11.29
N GLU A 312 10.21 -18.65 10.24
CA GLU A 312 11.21 -17.57 10.29
C GLU A 312 12.44 -17.87 11.14
N PHE A 313 13.55 -18.10 10.47
CA PHE A 313 14.88 -18.06 11.07
C PHE A 313 15.85 -17.77 9.94
N ALA A 314 17.02 -17.23 10.26
CA ALA A 314 18.00 -16.93 9.23
C ALA A 314 19.41 -17.29 9.70
N SER A 315 20.15 -18.00 8.87
CA SER A 315 21.50 -18.41 9.19
C SER A 315 22.46 -17.22 9.13
N VAL A 316 21.90 -16.03 9.01
CA VAL A 316 22.66 -14.79 9.05
C VAL A 316 22.47 -14.14 10.42
N CYS A 317 21.28 -14.33 10.99
CA CYS A 317 20.99 -13.84 12.33
C CYS A 317 20.83 -14.98 13.32
N SER A 318 21.80 -15.90 13.30
CA SER A 318 21.87 -16.98 14.27
C SER A 318 23.18 -16.85 15.05
N GLN A 319 23.68 -17.97 15.57
CA GLN A 319 24.97 -17.97 16.25
C GLN A 319 26.03 -18.63 15.37
N ASN A 320 25.72 -18.75 14.08
CA ASN A 320 26.59 -19.34 13.07
C ASN A 320 26.79 -20.83 13.26
N GLU A 321 25.71 -21.53 13.62
CA GLU A 321 25.74 -22.98 13.77
C GLU A 321 25.85 -23.67 12.42
N GLY A 322 25.51 -22.96 11.37
CA GLY A 322 25.41 -23.53 10.03
C GLY A 322 23.96 -23.71 9.67
N ILE A 323 23.61 -23.45 8.42
CA ILE A 323 22.22 -23.47 7.99
C ILE A 323 21.65 -24.89 8.03
N GLN A 324 22.38 -25.84 7.47
CA GLN A 324 21.97 -27.24 7.47
C GLN A 324 21.93 -27.78 8.88
N ASN A 325 22.79 -27.24 9.74
CA ASN A 325 22.83 -27.63 11.14
C ASN A 325 21.63 -27.10 11.90
N LEU A 326 21.06 -26.00 11.42
CA LEU A 326 19.87 -25.40 12.02
C LEU A 326 18.62 -26.17 11.60
N TYR A 327 18.55 -26.51 10.31
CA TYR A 327 17.48 -27.39 9.83
C TYR A 327 17.52 -28.73 10.57
N LYS A 328 18.71 -29.31 10.65
CA LYS A 328 18.91 -30.57 11.35
C LYS A 328 18.52 -30.46 12.82
N TYR A 329 18.90 -29.35 13.44
CA TYR A 329 18.55 -29.11 14.84
C TYR A 329 17.04 -29.16 15.00
N ALA A 330 16.35 -28.41 14.14
CA ALA A 330 14.88 -28.36 14.18
C ALA A 330 14.27 -29.75 14.04
N TYR A 331 14.79 -30.53 13.09
CA TYR A 331 14.23 -31.85 12.84
C TYR A 331 14.53 -32.83 13.97
N ASN A 332 15.65 -32.62 14.65
CA ASN A 332 16.10 -33.52 15.71
C ASN A 332 15.46 -33.24 17.07
N ASN A 333 15.31 -31.96 17.41
CA ASN A 333 14.87 -31.60 18.76
C ASN A 333 13.37 -31.36 18.89
N GLY A 334 12.57 -32.08 18.11
CA GLY A 334 11.14 -32.13 18.33
C GLY A 334 10.25 -31.18 17.54
N TYR A 335 10.84 -30.11 17.02
CA TYR A 335 10.08 -29.09 16.29
C TYR A 335 9.38 -29.66 15.06
N ASN A 336 8.19 -29.15 14.78
CA ASN A 336 7.37 -29.66 13.69
C ASN A 336 7.63 -28.98 12.35
N GLY A 337 8.54 -28.01 12.35
CA GLY A 337 8.91 -27.34 11.11
C GLY A 337 9.94 -26.25 11.28
N ALA A 338 10.55 -25.85 10.16
CA ALA A 338 11.55 -24.79 10.16
C ALA A 338 11.54 -24.05 8.83
N LEU A 339 11.29 -22.74 8.88
CA LEU A 339 11.20 -21.92 7.69
C LEU A 339 12.25 -20.83 7.70
N THR A 340 13.19 -20.90 6.78
CA THR A 340 14.21 -19.88 6.66
C THR A 340 13.62 -18.53 6.29
N TRP A 341 14.24 -17.45 6.74
CA TRP A 341 13.60 -16.17 6.50
C TRP A 341 13.94 -15.59 5.14
N GLN A 342 12.86 -15.17 4.49
CA GLN A 342 12.75 -14.68 3.11
C GLN A 342 13.71 -15.14 2.04
N PHE A 343 13.06 -15.76 1.06
CA PHE A 343 13.62 -16.35 -0.15
C PHE A 343 14.01 -15.31 -1.20
N ASN A 344 13.49 -14.09 -1.08
CA ASN A 344 13.80 -13.06 -2.08
C ASN A 344 15.11 -12.36 -1.78
N SER A 345 15.71 -12.74 -0.65
CA SER A 345 17.05 -12.28 -0.25
C SER A 345 17.10 -10.81 0.16
N GLY A 346 15.97 -10.26 0.60
CA GLY A 346 15.91 -8.85 0.92
C GLY A 346 15.54 -8.52 2.36
N GLY A 347 16.04 -7.40 2.84
CA GLY A 347 15.77 -6.97 4.21
C GLY A 347 16.93 -7.27 5.12
N ASP A 348 16.75 -6.99 6.41
CA ASP A 348 17.77 -7.29 7.40
C ASP A 348 17.49 -8.63 8.09
N CYS A 349 18.54 -9.40 8.31
CA CYS A 349 18.45 -10.78 8.79
C CYS A 349 17.72 -11.66 7.80
N SER A 350 18.21 -11.68 6.56
CA SER A 350 17.66 -12.53 5.52
C SER A 350 18.75 -13.30 4.79
N ASP A 351 18.55 -14.60 4.63
CA ASP A 351 19.48 -15.44 3.89
C ASP A 351 19.31 -15.22 2.39
N THR A 352 20.28 -15.68 1.60
CA THR A 352 20.15 -15.63 0.16
C THR A 352 19.42 -16.89 -0.30
N TYR A 353 18.76 -16.81 -1.45
CA TYR A 353 17.94 -17.92 -1.92
C TYR A 353 18.77 -19.18 -2.11
N SER A 354 20.04 -19.01 -2.49
CA SER A 354 20.94 -20.13 -2.69
C SER A 354 21.21 -20.90 -1.40
N ASN A 355 21.63 -20.17 -0.37
CA ASN A 355 21.97 -20.77 0.92
C ASN A 355 20.76 -21.43 1.58
N GLN A 356 19.61 -20.73 1.56
CA GLN A 356 18.28 -21.35 1.78
C GLN A 356 18.07 -22.68 1.06
N MET A 357 18.39 -22.73 -0.22
CA MET A 357 18.22 -23.98 -0.98
C MET A 357 19.13 -25.04 -0.37
N TYR A 358 20.36 -24.63 -0.06
CA TYR A 358 21.36 -25.53 0.52
C TYR A 358 20.87 -26.15 1.82
N GLY A 359 20.36 -25.30 2.70
CA GLY A 359 19.82 -25.75 3.97
C GLY A 359 18.65 -26.66 3.78
N MET A 360 17.79 -26.35 2.81
CA MET A 360 16.66 -27.24 2.54
C MET A 360 17.10 -28.62 2.06
N GLN A 361 18.29 -28.68 1.44
CA GLN A 361 18.82 -29.97 0.99
C GLN A 361 19.32 -30.87 2.12
N ALA A 362 19.25 -30.37 3.36
CA ALA A 362 19.75 -31.13 4.50
C ALA A 362 18.74 -32.16 4.99
N LEU A 363 17.46 -31.89 4.75
CA LEU A 363 16.41 -32.81 5.17
C LEU A 363 15.71 -33.40 3.96
N LYS A 364 16.40 -33.40 2.83
CA LYS A 364 15.84 -33.85 1.56
C LYS A 364 15.50 -35.33 1.57
N GLY A 365 14.35 -35.67 1.00
CA GLY A 365 13.91 -37.06 0.89
C GLY A 365 13.87 -37.81 2.21
N GLN A 366 13.79 -37.05 3.30
CA GLN A 366 13.87 -37.62 4.64
C GLN A 366 12.52 -38.12 5.12
N ASN A 367 12.55 -39.23 5.84
CA ASN A 367 11.35 -39.78 6.46
C ASN A 367 11.73 -40.56 7.71
N ASP A 368 11.72 -39.89 8.85
CA ASP A 368 12.04 -40.55 10.10
C ASP A 368 10.85 -40.50 11.04
N GLN A 369 9.91 -41.44 10.89
CA GLN A 369 8.69 -41.40 11.68
C GLN A 369 8.91 -42.02 13.06
N SER A 370 10.14 -42.40 13.35
CA SER A 370 10.50 -42.85 14.69
C SER A 370 10.33 -41.68 15.66
N GLY A 371 9.21 -41.67 16.38
CA GLY A 371 8.79 -40.58 17.24
C GLY A 371 9.86 -39.78 17.96
N GLY A 372 9.59 -38.48 18.14
CA GLY A 372 10.55 -37.58 18.74
C GLY A 372 11.34 -36.88 17.64
N LYS A 373 11.44 -37.54 16.49
CA LYS A 373 12.08 -36.97 15.32
C LYS A 373 11.04 -36.48 14.31
N GLY A 374 11.45 -35.49 13.51
CA GLY A 374 10.56 -34.74 12.63
C GLY A 374 9.48 -35.46 11.83
N GLY A 375 9.87 -36.44 11.02
CA GLY A 375 8.90 -37.21 10.26
C GLY A 375 9.07 -37.10 8.76
N MET A 376 7.99 -37.34 8.04
CA MET A 376 8.01 -37.35 6.58
C MET A 376 8.18 -35.94 6.03
N VAL A 377 9.14 -35.75 5.12
CA VAL A 377 9.39 -34.44 4.54
C VAL A 377 8.85 -34.36 3.12
N SER A 378 9.30 -35.26 2.27
CA SER A 378 8.85 -35.32 0.88
C SER A 378 7.45 -35.90 0.77
N VAL A 379 6.45 -35.03 0.76
CA VAL A 379 5.05 -35.45 0.76
C VAL A 379 4.48 -35.55 -0.67
N ASN A 380 3.51 -36.46 -0.84
CA ASN A 380 2.78 -36.59 -2.10
C ASN A 380 1.34 -36.13 -1.92
N ILE A 381 1.03 -34.95 -2.45
CA ILE A 381 -0.25 -34.29 -2.20
C ILE A 381 -1.28 -34.60 -3.28
N ASN A 382 -2.54 -34.68 -2.89
CA ASN A 382 -3.63 -34.96 -3.83
C ASN A 382 -3.98 -33.77 -4.70
N HIS A 383 -5.03 -33.95 -5.50
CA HIS A 383 -5.67 -32.86 -6.23
C HIS A 383 -7.06 -32.69 -5.64
N HIS A 384 -7.99 -32.06 -6.35
CA HIS A 384 -9.36 -32.01 -5.83
C HIS A 384 -10.20 -33.20 -6.27
N HIS A 385 -11.20 -33.50 -5.44
CA HIS A 385 -12.20 -34.51 -5.75
C HIS A 385 -13.29 -33.91 -6.64
N HIS A 386 -13.69 -32.68 -6.31
CA HIS A 386 -14.91 -32.07 -6.84
C HIS A 386 -16.10 -32.99 -6.54
N HIS A 387 -17.21 -32.75 -7.23
CA HIS A 387 -18.39 -33.63 -7.28
C HIS A 387 -18.53 -34.64 -6.14
N SER B 20 16.57 23.34 -23.56
CA SER B 20 16.74 23.92 -22.23
C SER B 20 15.60 24.88 -21.87
N GLU B 21 14.42 24.70 -22.46
CA GLU B 21 13.24 25.42 -21.99
C GLU B 21 12.67 24.68 -20.79
N PHE B 22 11.53 25.20 -20.30
CA PHE B 22 10.65 24.57 -19.30
C PHE B 22 9.29 25.28 -19.30
N LEU B 23 8.28 24.68 -18.67
CA LEU B 23 6.96 25.32 -18.59
C LEU B 23 6.99 26.46 -17.58
N LYS B 24 6.46 27.61 -17.98
CA LYS B 24 6.42 28.77 -17.11
C LYS B 24 4.98 29.21 -16.82
N ALA B 25 4.79 29.81 -15.65
CA ALA B 25 3.49 30.37 -15.28
C ALA B 25 3.63 31.86 -15.01
N SER B 26 3.30 32.67 -16.01
CA SER B 26 3.43 34.11 -15.87
C SER B 26 2.07 34.78 -15.93
N GLY B 27 1.80 35.63 -14.95
CA GLY B 27 0.51 36.26 -14.82
C GLY B 27 -0.59 35.21 -14.75
N SER B 28 -1.49 35.25 -15.73
CA SER B 28 -2.62 34.35 -15.74
C SER B 28 -2.43 33.24 -16.76
N ASN B 29 -1.17 33.00 -17.15
CA ASN B 29 -0.97 32.23 -18.36
C ASN B 29 0.26 31.30 -18.42
N PHE B 30 0.06 30.13 -19.03
CA PHE B 30 1.13 29.16 -19.25
C PHE B 30 1.93 29.50 -20.50
N TYR B 31 3.25 29.55 -20.36
CA TYR B 31 4.12 29.92 -21.47
C TYR B 31 5.26 28.93 -21.69
N TYR B 32 5.54 28.64 -22.96
CA TYR B 32 6.63 27.76 -23.35
C TYR B 32 7.16 28.12 -24.73
N GLY B 33 8.37 28.67 -24.78
CA GLY B 33 8.99 29.08 -26.03
C GLY B 33 8.69 30.53 -26.34
N GLY B 34 8.49 31.33 -25.30
CA GLY B 34 8.09 32.72 -25.46
C GLY B 34 6.66 32.81 -25.95
N GLN B 35 6.07 31.64 -26.17
CA GLN B 35 4.72 31.53 -26.69
C GLN B 35 3.79 31.07 -25.58
N LYS B 36 2.50 31.05 -25.88
CA LYS B 36 1.47 30.73 -24.91
C LYS B 36 0.99 29.29 -25.06
N VAL B 37 0.73 28.63 -23.94
CA VAL B 37 0.38 27.21 -23.93
C VAL B 37 -0.96 26.89 -23.26
N PHE B 38 -1.66 25.89 -23.80
CA PHE B 38 -2.86 25.35 -23.16
C PHE B 38 -2.66 23.87 -22.87
N LEU B 39 -2.83 23.49 -21.61
CA LEU B 39 -2.63 22.10 -21.22
C LEU B 39 -3.89 21.26 -21.46
N SER B 40 -3.97 20.66 -22.63
CA SER B 40 -5.11 19.79 -22.96
C SER B 40 -4.72 18.32 -22.76
N GLY B 41 -5.41 17.63 -21.86
CA GLY B 41 -5.05 16.24 -21.63
C GLY B 41 -5.89 15.42 -20.68
N VAL B 42 -5.27 14.38 -20.13
CA VAL B 42 -6.00 13.44 -19.28
C VAL B 42 -5.30 13.17 -17.96
N ASN B 43 -6.06 12.64 -17.01
CA ASN B 43 -5.51 11.98 -15.85
C ASN B 43 -5.25 10.53 -16.22
N PHE B 44 -3.98 10.12 -16.24
CA PHE B 44 -3.69 8.71 -16.19
C PHE B 44 -4.26 8.27 -14.87
N ALA B 45 -3.97 9.11 -13.88
CA ALA B 45 -4.10 8.82 -12.46
C ALA B 45 -3.08 7.74 -12.10
N TRP B 46 -3.24 6.54 -12.66
CA TRP B 46 -2.33 5.44 -12.39
C TRP B 46 -2.54 4.27 -13.35
N ARG B 47 -1.52 3.42 -13.42
CA ARG B 47 -1.67 2.08 -14.00
C ARG B 47 -2.02 1.12 -12.89
N SER B 48 -1.17 1.07 -11.88
CA SER B 48 -1.46 0.38 -10.64
C SER B 48 -1.49 1.41 -9.51
N TYR B 49 -2.61 1.47 -8.80
CA TYR B 49 -2.83 2.50 -7.79
C TYR B 49 -1.75 2.58 -6.71
N GLY B 50 -0.91 3.61 -6.79
CA GLY B 50 0.13 3.83 -5.80
C GLY B 50 1.32 2.91 -5.97
N SER B 51 1.27 2.10 -7.02
CA SER B 51 2.24 1.06 -7.27
C SER B 51 2.86 1.15 -8.66
N ASP B 52 3.05 2.38 -9.15
CA ASP B 52 3.56 2.60 -10.49
C ASP B 52 5.06 2.86 -10.51
N PHE B 53 5.58 3.51 -9.48
CA PHE B 53 7.00 3.85 -9.43
C PHE B 53 7.65 3.31 -8.17
N GLY B 54 8.97 3.09 -8.25
CA GLY B 54 9.72 2.58 -7.12
C GLY B 54 9.56 1.09 -6.96
N ASN B 55 10.47 0.48 -6.19
CA ASN B 55 10.44 -0.97 -5.94
C ASN B 55 10.30 -1.81 -7.20
N GLY B 56 10.97 -1.38 -8.28
CA GLY B 56 10.95 -2.11 -9.54
C GLY B 56 9.56 -2.38 -10.10
N GLN B 57 8.59 -1.57 -9.70
CA GLN B 57 7.21 -1.75 -10.14
C GLN B 57 6.99 -1.15 -11.52
N TYR B 58 7.80 -0.16 -11.86
CA TYR B 58 7.69 0.56 -13.12
C TYR B 58 8.01 -0.34 -14.30
N ALA B 59 8.66 -1.46 -14.03
CA ALA B 59 8.91 -2.46 -15.06
C ALA B 59 7.62 -3.21 -15.36
N SER B 60 6.70 -3.19 -14.40
CA SER B 60 5.44 -3.91 -14.52
C SER B 60 4.30 -3.05 -15.06
N ASN B 61 4.41 -1.74 -14.88
CA ASN B 61 3.33 -0.82 -15.23
C ASN B 61 3.70 0.17 -16.32
N GLY B 62 4.99 0.50 -16.39
CA GLY B 62 5.52 1.42 -17.38
C GLY B 62 5.01 1.35 -18.81
N PRO B 63 5.09 0.16 -19.44
CA PRO B 63 4.64 0.00 -20.83
C PRO B 63 3.24 0.54 -21.10
N ALA B 64 2.33 0.37 -20.15
CA ALA B 64 0.96 0.85 -20.30
C ALA B 64 0.92 2.38 -20.24
N LEU B 65 1.66 2.95 -19.30
CA LEU B 65 1.75 4.39 -19.17
C LEU B 65 2.30 5.00 -20.46
N LYS B 66 3.21 4.28 -21.10
CA LYS B 66 3.80 4.75 -22.35
C LYS B 66 2.82 4.62 -23.52
N ASP B 67 2.06 3.53 -23.53
CA ASP B 67 1.00 3.36 -24.53
C ASP B 67 -0.01 4.50 -24.43
N TRP B 68 -0.32 4.87 -23.19
CA TRP B 68 -1.27 5.94 -22.92
C TRP B 68 -0.72 7.29 -23.35
N ILE B 69 0.55 7.56 -23.05
CA ILE B 69 1.19 8.78 -23.52
C ILE B 69 1.12 8.85 -25.04
N ASN B 70 1.34 7.71 -25.68
CA ASN B 70 1.19 7.61 -27.13
C ASN B 70 -0.22 8.01 -27.59
N LYS B 71 -1.23 7.43 -26.95
CA LYS B 71 -2.61 7.74 -27.28
C LYS B 71 -2.88 9.24 -27.12
N VAL B 72 -2.25 9.83 -26.10
CA VAL B 72 -2.43 11.25 -25.83
C VAL B 72 -1.86 12.12 -26.93
N LYS B 73 -0.58 11.96 -27.26
CA LYS B 73 -0.01 12.84 -28.28
C LYS B 73 -0.69 12.58 -29.64
N ALA B 74 -1.05 11.32 -29.90
CA ALA B 74 -1.75 10.99 -31.14
C ALA B 74 -3.15 11.59 -31.19
N SER B 75 -3.72 11.90 -30.03
CA SER B 75 -5.06 12.48 -29.99
C SER B 75 -5.05 14.01 -29.92
N GLY B 76 -3.88 14.61 -29.93
CA GLY B 76 -3.77 16.06 -29.94
C GLY B 76 -3.78 16.70 -28.56
N GLY B 77 -3.50 15.90 -27.54
CA GLY B 77 -3.39 16.42 -26.19
C GLY B 77 -1.93 16.70 -25.87
N ASN B 78 -1.68 17.32 -24.73
CA ASN B 78 -0.31 17.66 -24.37
C ASN B 78 0.05 17.45 -22.91
N THR B 79 -0.85 16.82 -22.15
CA THR B 79 -0.63 16.69 -20.71
C THR B 79 -1.26 15.45 -20.10
N ALA B 80 -0.46 14.75 -19.28
CA ALA B 80 -0.95 13.63 -18.49
C ALA B 80 -0.68 13.87 -17.01
N ARG B 81 -1.71 13.66 -16.21
CA ARG B 81 -1.60 13.75 -14.76
C ARG B 81 -1.36 12.36 -14.18
N VAL B 82 -0.23 12.21 -13.51
CA VAL B 82 0.17 10.92 -12.94
C VAL B 82 0.46 11.02 -11.45
N TRP B 83 -0.02 10.05 -10.68
CA TRP B 83 0.18 10.07 -9.24
C TRP B 83 1.43 9.29 -8.87
N VAL B 84 2.05 9.64 -7.75
CA VAL B 84 3.29 9.00 -7.33
C VAL B 84 3.16 8.30 -5.97
N HIS B 85 3.39 9.03 -4.88
CA HIS B 85 3.37 8.42 -3.55
C HIS B 85 2.00 7.88 -3.19
N VAL B 86 0.97 8.67 -3.51
CA VAL B 86 -0.43 8.33 -3.26
C VAL B 86 -0.68 8.06 -1.77
N GLU B 87 -0.79 6.80 -1.39
CA GLU B 87 -1.06 6.45 0.00
C GLU B 87 0.11 5.71 0.64
N GLY B 88 1.28 5.83 0.04
CA GLY B 88 2.48 5.24 0.60
C GLY B 88 2.57 3.74 0.43
N GLN B 89 1.85 3.22 -0.56
CA GLN B 89 1.91 1.80 -0.87
C GLN B 89 3.33 1.37 -1.16
N VAL B 90 4.10 2.28 -1.75
CA VAL B 90 5.49 2.04 -2.10
C VAL B 90 6.33 3.27 -1.76
N SER B 91 5.75 4.44 -1.99
CA SER B 91 6.49 5.69 -1.89
C SER B 91 5.83 6.65 -0.91
N PRO B 92 6.62 7.27 -0.02
CA PRO B 92 8.03 6.97 0.18
C PRO B 92 8.21 5.85 1.21
N ALA B 93 9.45 5.41 1.43
CA ALA B 93 9.74 4.32 2.36
C ALA B 93 10.06 4.86 3.76
N PHE B 94 9.28 4.44 4.74
CA PHE B 94 9.48 4.84 6.13
C PHE B 94 10.28 3.80 6.90
N ASP B 95 10.80 4.17 8.06
CA ASP B 95 11.33 3.17 8.97
C ASP B 95 10.22 2.74 9.92
N SER B 96 10.55 1.85 10.86
CA SER B 96 9.57 1.42 11.86
C SER B 96 9.26 2.57 12.80
N HIS B 97 10.14 3.56 12.85
CA HIS B 97 10.05 4.63 13.82
C HIS B 97 9.22 5.80 13.30
N GLY B 98 8.68 5.65 12.09
CA GLY B 98 7.78 6.63 11.51
C GLY B 98 8.43 7.63 10.58
N PHE B 99 9.73 7.47 10.37
CA PHE B 99 10.50 8.43 9.59
C PHE B 99 10.88 7.89 8.21
N VAL B 100 10.89 8.79 7.22
CA VAL B 100 11.30 8.42 5.87
C VAL B 100 12.80 8.19 5.80
N THR B 101 13.22 7.12 5.13
CA THR B 101 14.63 6.81 4.99
C THR B 101 15.08 6.87 3.54
N SER B 102 14.13 6.70 2.62
CA SER B 102 14.44 6.71 1.20
C SER B 102 13.18 6.90 0.34
N THR B 103 13.38 6.98 -0.97
CA THR B 103 12.25 7.08 -1.90
C THR B 103 11.45 5.79 -1.88
N ASP B 104 12.08 4.70 -2.32
CA ASP B 104 11.47 3.39 -2.19
C ASP B 104 12.48 2.44 -1.58
N SER B 105 12.05 1.22 -1.27
CA SER B 105 12.93 0.25 -0.62
C SER B 105 14.08 -0.14 -1.55
N LYS B 106 13.76 -0.40 -2.81
CA LYS B 106 14.76 -0.77 -3.80
C LYS B 106 15.45 0.47 -4.38
N LYS B 107 14.99 1.64 -3.97
CA LYS B 107 15.54 2.91 -4.41
C LYS B 107 15.60 3.03 -5.94
N THR B 108 14.49 2.69 -6.59
CA THR B 108 14.39 2.75 -8.04
C THR B 108 13.46 3.85 -8.51
N LEU B 109 12.85 4.57 -7.56
CA LEU B 109 11.84 5.58 -7.85
C LEU B 109 12.29 6.62 -8.88
N ILE B 110 13.33 7.36 -8.51
CA ILE B 110 13.86 8.43 -9.36
C ILE B 110 14.20 7.94 -10.76
N ASN B 111 14.73 6.72 -10.86
CA ASN B 111 15.06 6.15 -12.15
C ASN B 111 13.80 5.87 -12.99
N ASP B 112 12.75 5.40 -12.32
CA ASP B 112 11.48 5.13 -12.97
C ASP B 112 10.83 6.40 -13.50
N LEU B 113 10.72 7.39 -12.61
CA LEU B 113 10.20 8.70 -12.98
C LEU B 113 10.98 9.31 -14.12
N SER B 114 12.31 9.26 -14.01
CA SER B 114 13.19 9.78 -15.05
C SER B 114 12.95 9.08 -16.38
N ASP B 115 12.71 7.78 -16.33
CA ASP B 115 12.46 7.03 -17.55
C ASP B 115 11.15 7.48 -18.20
N LEU B 116 10.10 7.55 -17.40
CA LEU B 116 8.78 7.95 -17.92
C LEU B 116 8.81 9.36 -18.49
N LEU B 117 9.42 10.28 -17.74
CA LEU B 117 9.57 11.66 -18.17
C LEU B 117 10.33 11.76 -19.47
N ASP B 118 11.47 11.07 -19.54
CA ASP B 118 12.27 11.04 -20.76
C ASP B 118 11.46 10.52 -21.93
N TYR B 119 10.60 9.54 -21.68
CA TYR B 119 9.73 9.03 -22.74
C TYR B 119 8.73 10.08 -23.19
N ALA B 120 8.10 10.76 -22.22
CA ALA B 120 7.09 11.77 -22.51
C ALA B 120 7.70 12.90 -23.33
N ASN B 121 8.92 13.29 -22.97
CA ASN B 121 9.64 14.40 -23.59
C ASN B 121 9.74 14.14 -25.08
N GLY B 122 10.24 12.96 -25.44
CA GLY B 122 10.39 12.61 -26.83
C GLY B 122 9.06 12.59 -27.57
N GLN B 123 7.97 12.47 -26.83
CA GLN B 123 6.64 12.43 -27.41
C GLN B 123 5.88 13.75 -27.21
N ASN B 124 6.59 14.79 -26.83
CA ASN B 124 6.00 16.12 -26.63
C ASN B 124 4.76 16.11 -25.74
N VAL B 125 4.87 15.47 -24.59
CA VAL B 125 3.79 15.45 -23.61
C VAL B 125 4.30 15.88 -22.25
N PHE B 126 3.57 16.77 -21.59
CA PHE B 126 3.92 17.20 -20.24
C PHE B 126 3.32 16.26 -19.21
N LEU B 127 3.94 16.20 -18.04
CA LEU B 127 3.45 15.35 -16.96
C LEU B 127 3.27 16.16 -15.69
N ILE B 128 2.22 15.84 -14.94
CA ILE B 128 2.02 16.44 -13.62
C ILE B 128 2.12 15.37 -12.55
N LEU B 129 3.14 15.48 -11.72
CA LEU B 129 3.40 14.48 -10.68
C LEU B 129 2.68 14.83 -9.39
N VAL B 130 1.66 14.05 -9.05
CA VAL B 130 0.95 14.24 -7.80
C VAL B 130 1.59 13.39 -6.71
N LEU B 131 2.28 14.05 -5.78
CA LEU B 131 2.95 13.37 -4.69
C LEU B 131 1.98 12.51 -3.89
N PHE B 132 1.15 13.15 -3.07
CA PHE B 132 0.24 12.39 -2.21
C PHE B 132 -1.23 12.50 -2.64
N ASN B 133 -2.10 11.85 -1.88
CA ASN B 133 -3.54 11.93 -2.11
C ASN B 133 -4.19 12.52 -0.86
N GLY B 134 -5.20 13.38 -1.06
CA GLY B 134 -5.87 14.04 0.05
C GLY B 134 -7.31 13.62 0.17
N ALA B 135 -7.84 13.01 -0.90
CA ALA B 135 -9.18 12.45 -0.89
C ALA B 135 -9.20 11.28 0.08
N LEU B 136 -8.20 10.42 -0.06
CA LEU B 136 -8.00 9.30 0.82
C LEU B 136 -6.58 9.29 1.34
N GLN B 137 -6.42 9.19 2.66
CA GLN B 137 -5.13 8.87 3.24
C GLN B 137 -5.28 7.90 4.39
N ASN B 138 -5.29 6.62 4.04
CA ASN B 138 -5.36 5.57 5.04
C ASN B 138 -3.97 5.00 5.30
N ASN B 139 -3.03 5.88 5.61
CA ASN B 139 -1.68 5.46 5.97
C ASN B 139 -1.15 6.31 7.12
N SER B 140 -0.89 5.67 8.25
CA SER B 140 -0.45 6.36 9.45
C SER B 140 0.84 7.13 9.21
N ASN B 141 1.77 6.52 8.48
CA ASN B 141 3.09 7.11 8.28
C ASN B 141 3.04 8.44 7.55
N VAL B 142 2.07 8.58 6.65
CA VAL B 142 1.95 9.80 5.89
C VAL B 142 0.96 10.76 6.53
N GLN B 143 -0.12 10.20 7.10
CA GLN B 143 -1.05 11.00 7.90
C GLN B 143 -0.27 11.82 8.90
N ASN B 144 0.72 11.19 9.54
CA ASN B 144 1.51 11.86 10.54
C ASN B 144 2.55 12.83 9.96
N LEU B 145 2.71 12.84 8.64
CA LEU B 145 3.55 13.85 8.00
C LEU B 145 2.92 15.23 8.12
N PHE B 146 1.59 15.24 8.22
CA PHE B 146 0.84 16.47 8.41
C PHE B 146 1.03 17.05 9.81
N TRP B 147 1.40 16.20 10.76
CA TRP B 147 1.53 16.63 12.15
C TRP B 147 2.97 16.80 12.57
N ASP B 148 3.78 15.77 12.37
CA ASP B 148 5.13 15.78 12.88
C ASP B 148 6.06 16.59 11.99
N GLU B 149 6.59 17.67 12.54
CA GLU B 149 7.55 18.50 11.82
C GLU B 149 8.73 17.64 11.38
N SER B 150 9.53 17.22 12.35
CA SER B 150 10.73 16.40 12.12
C SER B 150 10.54 15.28 11.09
N LYS B 151 9.38 14.63 11.11
CA LYS B 151 9.12 13.55 10.17
C LYS B 151 8.95 14.07 8.76
N LEU B 152 8.23 15.18 8.63
CA LEU B 152 8.06 15.79 7.32
C LEU B 152 9.44 16.18 6.82
N ASN B 153 10.25 16.78 7.69
CA ASN B 153 11.64 17.03 7.33
C ASN B 153 12.27 15.78 6.75
N SER B 154 12.18 14.67 7.46
CA SER B 154 12.72 13.39 6.98
C SER B 154 12.24 13.05 5.57
N TYR B 155 10.97 13.33 5.28
CA TYR B 155 10.47 13.10 3.94
C TYR B 155 11.14 14.02 2.91
N ILE B 156 11.28 15.29 3.27
CA ILE B 156 11.94 16.25 2.39
C ILE B 156 13.38 15.86 2.08
N ASN B 157 14.16 15.71 3.14
CA ASN B 157 15.58 15.37 3.04
C ASN B 157 15.83 14.04 2.34
N ASN B 158 15.13 13.01 2.79
CA ASN B 158 15.45 11.65 2.36
C ASN B 158 14.73 11.21 1.08
N ALA B 159 13.62 11.86 0.76
CA ALA B 159 12.81 11.43 -0.38
C ALA B 159 12.62 12.52 -1.43
N LEU B 160 12.01 13.63 -1.03
CA LEU B 160 11.58 14.65 -2.00
C LEU B 160 12.74 15.36 -2.67
N THR B 161 13.63 15.96 -1.88
CA THR B 161 14.78 16.67 -2.42
C THR B 161 15.59 15.81 -3.40
N PRO B 162 15.85 14.52 -3.08
CA PRO B 162 16.47 13.69 -4.12
C PRO B 162 15.68 13.65 -5.43
N MET B 163 14.38 13.37 -5.32
CA MET B 163 13.50 13.31 -6.48
C MET B 163 13.60 14.56 -7.34
N VAL B 164 13.29 15.71 -6.74
CA VAL B 164 13.29 16.98 -7.46
C VAL B 164 14.67 17.33 -8.00
N ASN B 165 15.67 17.30 -7.13
CA ASN B 165 17.05 17.61 -7.50
C ASN B 165 17.53 16.78 -8.68
N ALA B 166 17.04 15.55 -8.79
CA ALA B 166 17.39 14.70 -9.92
C ALA B 166 16.51 14.99 -11.14
N LEU B 167 15.27 15.43 -10.89
CA LEU B 167 14.30 15.57 -11.95
C LEU B 167 14.06 17.02 -12.38
N LYS B 168 15.03 17.90 -12.12
CA LYS B 168 14.86 19.30 -12.48
C LYS B 168 15.33 19.57 -13.92
N SER B 169 16.48 19.01 -14.29
CA SER B 169 16.97 19.16 -15.66
C SER B 169 16.04 18.51 -16.68
N LYS B 170 14.88 18.08 -16.21
CA LYS B 170 13.89 17.38 -17.01
C LYS B 170 12.74 18.27 -17.43
N PRO B 171 12.63 18.56 -18.74
CA PRO B 171 11.37 19.09 -19.24
C PRO B 171 10.32 17.98 -19.27
N SER B 172 9.10 18.29 -19.69
CA SER B 172 7.92 17.41 -19.58
C SER B 172 7.43 17.42 -18.14
N LEU B 173 8.31 17.81 -17.23
CA LEU B 173 7.93 17.97 -15.83
C LEU B 173 7.32 19.35 -15.66
N ALA B 174 6.04 19.44 -15.99
CA ALA B 174 5.29 20.68 -15.84
C ALA B 174 4.58 20.67 -14.49
N ALA B 175 5.32 21.04 -13.45
CA ALA B 175 4.84 21.23 -12.08
C ALA B 175 4.73 19.96 -11.23
N TRP B 176 4.95 20.15 -9.93
CA TRP B 176 4.75 19.13 -8.92
C TRP B 176 3.49 19.44 -8.14
N GLU B 177 2.50 18.55 -8.20
CA GLU B 177 1.32 18.71 -7.37
C GLU B 177 1.55 18.05 -6.01
N VAL B 178 1.47 18.84 -4.95
CA VAL B 178 1.72 18.35 -3.61
C VAL B 178 0.62 17.40 -3.13
N LEU B 179 -0.63 17.86 -3.17
CA LEU B 179 -1.71 17.09 -2.58
C LEU B 179 -2.98 17.14 -3.43
N ASN B 180 -3.42 15.98 -3.89
CA ASN B 180 -4.67 15.90 -4.65
C ASN B 180 -5.90 15.92 -3.76
N GLU B 181 -6.74 16.92 -3.95
CA GLU B 181 -7.98 17.09 -3.19
C GLU B 181 -7.79 17.06 -1.68
N PRO B 182 -7.05 18.03 -1.12
CA PRO B 182 -6.78 18.12 0.32
C PRO B 182 -8.05 18.24 1.17
N GLU B 183 -9.20 18.39 0.52
CA GLU B 183 -10.45 18.63 1.24
C GLU B 183 -11.15 17.33 1.58
N GLY B 184 -10.62 16.23 1.03
CA GLY B 184 -11.19 14.92 1.27
C GLY B 184 -10.91 14.41 2.66
N THR B 185 -9.72 14.74 3.16
CA THR B 185 -9.28 14.31 4.48
C THR B 185 -9.30 15.48 5.46
N LEU B 186 -9.76 16.62 4.98
CA LEU B 186 -9.86 17.83 5.78
C LEU B 186 -10.72 17.64 7.00
N GLN B 187 -10.32 18.25 8.11
CA GLN B 187 -11.20 18.35 9.27
C GLN B 187 -11.74 19.77 9.38
N PRO B 188 -13.00 19.97 8.95
CA PRO B 188 -13.64 21.29 8.99
C PRO B 188 -13.69 21.88 10.39
N GLY B 189 -13.36 23.16 10.51
CA GLY B 189 -13.36 23.83 11.81
C GLY B 189 -13.30 25.34 11.71
N SER B 190 -13.89 26.01 12.69
CA SER B 190 -13.85 27.47 12.76
C SER B 190 -12.49 27.96 13.21
N ASP B 191 -12.16 29.20 12.90
CA ASP B 191 -10.89 29.81 13.30
C ASP B 191 -10.90 31.32 13.03
N GLN B 192 -10.31 32.10 13.94
CA GLN B 192 -10.26 33.55 13.79
C GLN B 192 -9.52 33.92 12.52
N ASN B 193 -8.31 33.39 12.37
CA ASN B 193 -7.58 33.52 11.11
C ASN B 193 -8.47 32.96 10.01
N SER B 194 -8.86 33.83 9.08
CA SER B 194 -9.77 33.44 8.00
C SER B 194 -9.20 32.26 7.23
N CYS B 195 -7.94 32.36 6.84
CA CYS B 195 -7.25 31.33 6.04
C CYS B 195 -7.42 29.89 6.53
N TYR B 196 -7.92 29.72 7.76
CA TYR B 196 -8.02 28.39 8.35
C TYR B 196 -9.47 28.00 8.66
N ASP B 197 -10.37 28.99 8.72
CA ASP B 197 -11.77 28.72 8.98
C ASP B 197 -12.37 27.88 7.86
N THR B 198 -13.17 26.88 8.24
CA THR B 198 -13.82 26.00 7.28
C THR B 198 -15.21 25.61 7.77
N SER B 199 -15.91 26.57 8.36
CA SER B 199 -17.23 26.34 8.94
C SER B 199 -18.24 25.78 7.93
N THR B 200 -18.06 26.16 6.66
CA THR B 200 -19.06 25.86 5.64
C THR B 200 -18.79 24.58 4.85
N LEU B 201 -17.55 24.10 4.90
CA LEU B 201 -17.11 23.01 4.03
C LEU B 201 -17.55 21.65 4.51
N ALA B 202 -17.95 21.55 5.77
CA ALA B 202 -18.46 20.31 6.29
C ALA B 202 -19.74 19.93 5.55
N ALA B 203 -20.68 20.88 5.53
CA ALA B 203 -21.97 20.66 4.91
C ALA B 203 -21.88 20.52 3.40
N GLN B 204 -20.80 21.01 2.81
CA GLN B 204 -20.62 20.96 1.36
C GLN B 204 -20.03 19.62 0.91
N GLY B 205 -19.59 18.82 1.88
CA GLY B 205 -19.15 17.46 1.59
C GLY B 205 -17.68 17.18 1.82
N ALA B 206 -16.92 18.17 2.28
CA ALA B 206 -15.51 17.96 2.56
C ALA B 206 -15.32 17.05 3.76
N GLY B 207 -14.30 16.19 3.69
CA GLY B 207 -14.01 15.26 4.76
C GLY B 207 -14.61 13.89 4.52
N TRP B 208 -14.77 13.53 3.25
CA TRP B 208 -15.41 12.27 2.88
C TRP B 208 -14.46 11.10 3.08
N GLY B 209 -13.17 11.40 3.08
CA GLY B 209 -12.15 10.39 3.31
C GLY B 209 -11.66 10.43 4.74
N GLY B 210 -12.55 10.77 5.66
CA GLY B 210 -12.20 10.88 7.07
C GLY B 210 -11.57 12.22 7.39
N LYS B 211 -12.13 12.90 8.39
CA LYS B 211 -11.64 14.22 8.77
C LYS B 211 -10.44 14.12 9.69
N LYS B 212 -9.26 14.22 9.11
CA LYS B 212 -8.02 13.98 9.85
C LYS B 212 -7.24 15.25 10.12
N PHE B 213 -7.18 16.12 9.13
CA PHE B 213 -6.32 17.31 9.22
C PHE B 213 -7.11 18.61 9.18
N PRO B 214 -6.91 19.46 10.20
CA PRO B 214 -7.45 20.82 10.16
C PRO B 214 -6.83 21.59 9.00
N MET B 215 -7.48 22.67 8.56
CA MET B 215 -7.00 23.41 7.39
C MET B 215 -5.57 23.92 7.59
N LYS B 216 -5.30 24.44 8.79
CA LYS B 216 -3.97 24.95 9.11
C LYS B 216 -2.88 23.92 8.88
N GLN B 217 -3.16 22.67 9.24
CA GLN B 217 -2.19 21.59 9.09
C GLN B 217 -1.90 21.30 7.63
N ILE B 218 -2.96 21.13 6.85
CA ILE B 218 -2.86 20.92 5.41
C ILE B 218 -1.99 22.01 4.78
N LEU B 219 -2.30 23.24 5.15
CA LEU B 219 -1.60 24.40 4.61
C LEU B 219 -0.12 24.42 4.99
N LYS B 220 0.16 24.21 6.28
CA LYS B 220 1.53 24.18 6.79
C LYS B 220 2.35 23.14 6.03
N THR B 221 1.77 21.96 5.88
CA THR B 221 2.36 20.86 5.15
C THR B 221 2.71 21.27 3.73
N ILE B 222 1.72 21.78 3.01
CA ILE B 222 1.92 22.17 1.61
C ILE B 222 2.97 23.28 1.49
N ASN B 223 3.02 24.16 2.48
CA ASN B 223 3.99 25.24 2.49
C ASN B 223 5.41 24.71 2.62
N TRP B 224 5.63 23.84 3.61
CA TRP B 224 6.95 23.23 3.79
C TRP B 224 7.37 22.44 2.54
N ILE B 225 6.49 21.57 2.06
CA ILE B 225 6.79 20.74 0.91
C ILE B 225 7.12 21.55 -0.34
N SER B 226 6.23 22.48 -0.68
CA SER B 226 6.42 23.31 -1.87
C SER B 226 7.69 24.14 -1.76
N SER B 227 7.96 24.63 -0.55
CA SER B 227 9.20 25.36 -0.32
C SER B 227 10.40 24.49 -0.59
N ALA B 228 10.33 23.24 -0.18
CA ALA B 228 11.41 22.30 -0.42
C ALA B 228 11.62 22.12 -1.91
N ILE B 229 10.53 21.82 -2.61
CA ILE B 229 10.56 21.63 -4.06
C ILE B 229 11.21 22.82 -4.76
N HIS B 230 10.84 24.03 -4.33
CA HIS B 230 11.40 25.25 -4.90
C HIS B 230 12.86 25.47 -4.53
N ASN B 231 13.24 25.05 -3.33
CA ASN B 231 14.62 25.15 -2.88
C ASN B 231 15.52 24.29 -3.76
N ALA B 232 15.07 23.08 -4.03
CA ALA B 232 15.82 22.18 -4.91
C ALA B 232 15.69 22.62 -6.37
N ASP B 233 14.70 23.46 -6.66
CA ASP B 233 14.38 23.83 -8.03
C ASP B 233 13.61 25.14 -8.13
N SER B 234 14.30 26.21 -8.48
CA SER B 234 13.70 27.55 -8.55
C SER B 234 12.64 27.68 -9.65
N LYS B 235 12.88 27.02 -10.77
CA LYS B 235 11.99 27.09 -11.93
C LYS B 235 10.71 26.30 -11.70
N ALA B 236 10.72 25.44 -10.69
CA ALA B 236 9.65 24.48 -10.46
C ALA B 236 8.30 25.14 -10.26
N LEU B 237 7.33 24.69 -11.04
CA LEU B 237 5.94 25.06 -10.81
C LEU B 237 5.37 24.09 -9.79
N VAL B 238 4.47 24.56 -8.93
CA VAL B 238 3.84 23.70 -7.93
C VAL B 238 2.36 24.03 -7.87
N THR B 239 1.53 22.99 -7.79
CA THR B 239 0.10 23.21 -7.68
C THR B 239 -0.55 22.36 -6.61
N VAL B 240 -1.84 22.59 -6.40
CA VAL B 240 -2.65 21.80 -5.49
C VAL B 240 -4.01 21.54 -6.15
N GLY B 241 -4.23 20.30 -6.58
CA GLY B 241 -5.48 19.95 -7.22
C GLY B 241 -6.60 19.92 -6.21
N SER B 242 -7.43 20.95 -6.22
CA SER B 242 -8.47 21.07 -5.22
C SER B 242 -9.77 20.45 -5.70
N TRP B 243 -10.51 19.90 -4.76
CA TRP B 243 -11.68 19.09 -5.04
C TRP B 243 -12.81 19.83 -5.73
N SER B 244 -12.88 21.15 -5.52
CA SER B 244 -13.91 21.96 -6.17
C SER B 244 -13.47 23.41 -6.27
N GLU B 245 -14.45 24.31 -6.40
CA GLU B 245 -14.17 25.73 -6.52
C GLU B 245 -14.29 26.44 -5.17
N LEU B 246 -14.92 25.77 -4.22
CA LEU B 246 -15.25 26.37 -2.93
C LEU B 246 -14.00 26.74 -2.13
N THR B 247 -12.86 26.15 -2.49
CA THR B 247 -11.65 26.30 -1.69
C THR B 247 -10.52 27.02 -2.41
N GLN B 248 -10.74 27.41 -3.66
CA GLN B 248 -9.69 28.10 -4.40
C GLN B 248 -10.15 29.38 -5.09
N THR B 249 -11.21 29.99 -4.57
CA THR B 249 -11.63 31.31 -5.05
C THR B 249 -12.31 32.08 -3.92
N ASP B 250 -12.00 33.37 -3.83
CA ASP B 250 -12.56 34.20 -2.77
C ASP B 250 -13.90 34.79 -3.18
N SER B 251 -14.21 34.70 -4.47
CA SER B 251 -15.49 35.17 -4.99
C SER B 251 -16.64 34.30 -4.49
N PHE B 252 -17.86 34.80 -4.64
CA PHE B 252 -19.07 34.05 -4.34
C PHE B 252 -19.20 33.62 -2.88
N GLY B 253 -18.44 34.26 -2.00
CA GLY B 253 -18.49 33.92 -0.59
C GLY B 253 -17.52 32.81 -0.24
N TYR B 254 -17.04 32.12 -1.28
CA TYR B 254 -16.06 31.06 -1.12
C TYR B 254 -14.75 31.66 -0.60
N ARG B 255 -13.74 30.82 -0.41
CA ARG B 255 -12.43 31.32 -0.03
C ARG B 255 -11.29 30.56 -0.68
N ASN B 256 -10.17 31.25 -0.89
CA ASN B 256 -9.00 30.67 -1.53
C ASN B 256 -7.92 30.40 -0.49
N HIS B 257 -7.87 29.16 -0.01
CA HIS B 257 -6.97 28.81 1.09
C HIS B 257 -5.54 28.58 0.64
N TYR B 258 -5.31 28.61 -0.67
CA TYR B 258 -4.01 28.21 -1.20
C TYR B 258 -3.30 29.35 -1.91
N LYS B 259 -3.66 30.58 -1.58
CA LYS B 259 -2.95 31.74 -2.10
C LYS B 259 -1.74 32.04 -1.23
N ASP B 260 -0.72 32.64 -1.83
CA ASP B 260 0.57 32.91 -1.20
C ASP B 260 0.51 33.22 0.30
N SER B 261 -0.34 34.17 0.66
CA SER B 261 -0.46 34.61 2.04
C SER B 261 -0.93 33.49 2.95
N CYS B 262 -1.96 32.77 2.52
CA CYS B 262 -2.52 31.69 3.33
C CYS B 262 -1.50 30.59 3.61
N LEU B 263 -0.86 30.11 2.55
CA LEU B 263 0.18 29.10 2.66
C LEU B 263 1.32 29.58 3.55
N THR B 264 1.93 30.70 3.16
CA THR B 264 3.07 31.27 3.87
C THR B 264 2.78 31.52 5.35
N GLY B 265 1.53 31.87 5.65
CA GLY B 265 1.12 32.11 7.03
C GLY B 265 1.33 30.90 7.92
N ALA B 266 1.28 29.72 7.31
CA ALA B 266 1.55 28.49 8.03
C ALA B 266 2.88 27.90 7.55
N GLY B 267 3.80 27.68 8.48
CA GLY B 267 5.09 27.12 8.12
C GLY B 267 6.13 28.17 7.83
N GLY B 268 5.67 29.36 7.43
CA GLY B 268 6.55 30.50 7.22
C GLY B 268 7.56 30.33 6.11
N LYS B 269 7.28 29.42 5.18
CA LYS B 269 8.17 29.16 4.06
C LYS B 269 7.84 30.08 2.89
N SER B 270 8.30 31.32 2.98
CA SER B 270 7.89 32.40 2.07
C SER B 270 7.92 32.02 0.58
N ASN B 271 8.89 31.21 0.18
CA ASN B 271 8.95 30.78 -1.21
C ASN B 271 8.23 29.45 -1.42
N GLY B 272 7.52 29.01 -0.39
CA GLY B 272 6.74 27.79 -0.48
C GLY B 272 5.31 28.07 -0.86
N ILE B 273 5.09 28.33 -2.14
CA ILE B 273 3.77 28.67 -2.65
C ILE B 273 3.45 27.84 -3.88
N ILE B 274 2.18 27.81 -4.27
CA ILE B 274 1.78 27.17 -5.51
C ILE B 274 1.86 28.18 -6.65
N ASN B 275 2.34 27.74 -7.81
CA ASN B 275 2.62 28.65 -8.91
C ASN B 275 1.47 28.76 -9.89
N PHE B 276 0.45 27.94 -9.68
CA PHE B 276 -0.83 28.11 -10.38
C PHE B 276 -1.93 27.35 -9.66
N TYR B 277 -3.16 27.76 -9.86
CA TYR B 277 -4.28 27.14 -9.18
C TYR B 277 -4.88 26.02 -10.02
N GLN B 278 -5.60 25.11 -9.36
CA GLN B 278 -6.21 23.98 -10.05
C GLN B 278 -7.53 23.59 -9.38
N MET B 279 -8.58 23.47 -10.19
CA MET B 279 -9.89 23.08 -9.68
C MET B 279 -10.34 21.76 -10.28
N HIS B 280 -11.01 20.96 -9.46
CA HIS B 280 -11.64 19.73 -9.95
C HIS B 280 -13.15 19.95 -9.96
N THR B 281 -13.83 19.47 -11.00
CA THR B 281 -15.27 19.68 -11.05
C THR B 281 -16.02 18.45 -11.57
N TYR B 282 -17.05 18.06 -10.82
CA TYR B 282 -17.92 16.95 -11.17
C TYR B 282 -19.37 17.33 -10.89
N SER B 283 -20.28 16.87 -11.73
CA SER B 283 -21.70 17.16 -11.55
C SER B 283 -22.36 16.19 -10.59
N HIS B 284 -23.15 16.73 -9.65
CA HIS B 284 -23.85 15.90 -8.68
C HIS B 284 -25.34 15.77 -9.01
N SER B 285 -25.76 14.53 -9.19
CA SER B 285 -27.13 14.21 -9.61
C SER B 285 -27.56 14.85 -10.95
N GLY B 286 -26.59 15.43 -11.67
CA GLY B 286 -26.87 16.17 -12.90
C GLY B 286 -26.39 17.63 -12.90
N LYS B 287 -26.56 18.33 -11.78
CA LYS B 287 -26.32 19.78 -11.74
C LYS B 287 -24.92 20.10 -11.22
N TRP B 288 -24.20 20.93 -11.99
CA TRP B 288 -22.96 21.53 -11.49
C TRP B 288 -23.30 22.36 -10.27
N ASN B 289 -22.33 22.53 -9.38
CA ASN B 289 -22.44 23.55 -8.36
C ASN B 289 -22.68 24.87 -9.09
N GLN B 290 -23.42 25.77 -8.46
CA GLN B 290 -23.88 26.98 -9.13
C GLN B 290 -22.74 27.82 -9.72
N ASN B 291 -21.57 27.76 -9.10
CA ASN B 291 -20.43 28.54 -9.56
C ASN B 291 -19.27 27.64 -10.01
N ALA B 292 -19.60 26.44 -10.45
CA ALA B 292 -18.61 25.48 -10.94
C ALA B 292 -17.88 26.04 -12.16
N PRO B 293 -16.67 25.53 -12.44
CA PRO B 293 -15.87 26.01 -13.58
C PRO B 293 -16.62 26.02 -14.92
N PHE B 294 -17.59 25.13 -15.09
CA PHE B 294 -18.28 25.02 -16.38
C PHE B 294 -19.62 25.78 -16.41
N LYS B 295 -19.85 26.62 -15.40
CA LYS B 295 -21.02 27.48 -15.38
C LYS B 295 -20.59 28.93 -15.29
N VAL B 296 -19.27 29.11 -15.29
CA VAL B 296 -18.63 30.37 -14.96
C VAL B 296 -17.39 30.43 -15.88
N ASN B 297 -16.70 31.56 -15.94
CA ASN B 297 -15.41 31.61 -16.62
C ASN B 297 -14.28 31.68 -15.60
N ARG B 298 -13.05 31.55 -16.08
CA ARG B 298 -11.88 31.72 -15.20
C ARG B 298 -11.96 33.05 -14.46
N TRP B 299 -12.38 34.07 -15.20
CA TRP B 299 -12.29 35.44 -14.76
C TRP B 299 -13.13 35.72 -13.52
N ALA B 300 -14.29 35.09 -13.41
CA ALA B 300 -15.15 35.33 -12.26
C ALA B 300 -14.58 34.75 -10.97
N TYR B 301 -13.44 34.08 -11.07
CA TYR B 301 -12.82 33.52 -9.88
C TYR B 301 -11.83 34.52 -9.29
N ASN B 302 -11.57 35.58 -10.04
CA ASN B 302 -10.63 36.63 -9.64
C ASN B 302 -9.31 36.02 -9.16
N VAL B 303 -8.69 35.24 -10.03
CA VAL B 303 -7.38 34.67 -9.75
C VAL B 303 -6.49 34.82 -10.98
N ASN B 304 -6.39 36.04 -11.48
CA ASN B 304 -5.53 36.35 -12.60
C ASN B 304 -4.05 36.33 -12.20
N ASP B 305 -3.82 36.24 -10.88
CA ASP B 305 -2.47 36.21 -10.32
C ASP B 305 -1.63 35.08 -10.93
N LYS B 306 -2.22 33.89 -10.96
CA LYS B 306 -1.57 32.69 -11.48
C LYS B 306 -2.51 32.00 -12.45
N PRO B 307 -1.96 31.16 -13.35
CA PRO B 307 -2.82 30.39 -14.24
C PRO B 307 -3.81 29.52 -13.48
N LEU B 308 -4.83 29.00 -14.16
CA LEU B 308 -5.82 28.15 -13.52
C LEU B 308 -6.15 26.94 -14.39
N LEU B 309 -5.81 25.76 -13.88
CA LEU B 309 -6.04 24.52 -14.61
C LEU B 309 -7.30 23.83 -14.11
N ILE B 310 -8.04 23.22 -15.03
CA ILE B 310 -9.13 22.35 -14.64
C ILE B 310 -8.67 20.91 -14.74
N GLY B 311 -7.75 20.53 -13.86
CA GLY B 311 -7.38 19.14 -13.74
C GLY B 311 -8.62 18.41 -13.29
N GLU B 312 -8.85 17.23 -13.85
CA GLU B 312 -10.01 16.41 -13.52
C GLU B 312 -11.37 17.02 -13.88
N PHE B 313 -11.98 16.46 -14.90
CA PHE B 313 -13.42 16.59 -15.10
C PHE B 313 -13.87 15.33 -15.83
N ALA B 314 -15.16 15.03 -15.75
CA ALA B 314 -15.69 13.83 -16.37
C ALA B 314 -16.97 14.13 -17.12
N SER B 315 -17.02 13.72 -18.39
CA SER B 315 -18.18 13.98 -19.22
C SER B 315 -19.36 13.11 -18.78
N VAL B 316 -19.05 12.03 -18.06
CA VAL B 316 -20.09 11.21 -17.46
C VAL B 316 -20.64 11.89 -16.22
N CYS B 317 -19.95 12.93 -15.77
CA CYS B 317 -20.41 13.72 -14.64
C CYS B 317 -20.42 15.21 -14.99
N SER B 318 -21.28 15.55 -15.94
CA SER B 318 -21.45 16.92 -16.40
C SER B 318 -22.92 17.23 -16.66
N GLN B 319 -23.18 18.35 -17.33
CA GLN B 319 -24.54 18.66 -17.76
C GLN B 319 -24.88 17.87 -19.02
N ASN B 320 -23.94 17.05 -19.47
CA ASN B 320 -23.99 16.33 -20.76
C ASN B 320 -23.81 17.31 -21.91
N GLU B 321 -22.89 18.25 -21.74
CA GLU B 321 -22.56 19.21 -22.79
C GLU B 321 -21.92 18.51 -23.98
N GLY B 322 -21.14 17.48 -23.71
CA GLY B 322 -20.32 16.83 -24.71
C GLY B 322 -18.86 17.08 -24.38
N ILE B 323 -18.05 16.02 -24.47
CA ILE B 323 -16.66 16.09 -24.01
C ILE B 323 -15.85 17.14 -24.79
N GLN B 324 -16.07 17.21 -26.10
CA GLN B 324 -15.40 18.21 -26.93
C GLN B 324 -15.93 19.61 -26.61
N ASN B 325 -17.21 19.69 -26.30
CA ASN B 325 -17.81 20.96 -25.91
C ASN B 325 -17.25 21.46 -24.59
N LEU B 326 -16.89 20.53 -23.70
CA LEU B 326 -16.30 20.88 -22.42
C LEU B 326 -14.86 21.31 -22.59
N TYR B 327 -14.12 20.59 -23.42
CA TYR B 327 -12.77 21.00 -23.80
C TYR B 327 -12.77 22.41 -24.39
N LYS B 328 -13.77 22.72 -25.21
CA LYS B 328 -13.82 24.02 -25.86
C LYS B 328 -14.31 25.10 -24.90
N TYR B 329 -15.19 24.74 -23.99
CA TYR B 329 -15.61 25.67 -22.94
C TYR B 329 -14.37 26.05 -22.15
N ALA B 330 -13.44 25.11 -22.02
CA ALA B 330 -12.16 25.39 -21.37
C ALA B 330 -11.32 26.36 -22.21
N TYR B 331 -11.14 26.05 -23.49
CA TYR B 331 -10.23 26.84 -24.32
C TYR B 331 -10.74 28.27 -24.59
N ASN B 332 -12.06 28.45 -24.57
CA ASN B 332 -12.67 29.73 -24.90
C ASN B 332 -12.81 30.68 -23.71
N ASN B 333 -13.17 30.12 -22.55
CA ASN B 333 -13.58 30.94 -21.43
C ASN B 333 -12.49 31.22 -20.40
N GLY B 334 -11.25 31.25 -20.87
CA GLY B 334 -10.15 31.78 -20.08
C GLY B 334 -9.29 30.78 -19.32
N TYR B 335 -9.67 29.51 -19.34
CA TYR B 335 -8.97 28.49 -18.57
C TYR B 335 -7.64 28.07 -19.19
N ASN B 336 -6.66 27.78 -18.34
CA ASN B 336 -5.31 27.48 -18.78
C ASN B 336 -5.06 25.99 -19.03
N GLY B 337 -6.08 25.18 -18.85
CA GLY B 337 -5.95 23.76 -19.11
C GLY B 337 -7.19 22.98 -18.77
N ALA B 338 -7.28 21.77 -19.33
CA ALA B 338 -8.39 20.88 -19.05
C ALA B 338 -7.92 19.43 -19.13
N LEU B 339 -8.09 18.70 -18.03
CA LEU B 339 -7.69 17.30 -17.93
C LEU B 339 -8.87 16.41 -17.57
N THR B 340 -9.16 15.41 -18.38
CA THR B 340 -10.26 14.52 -18.07
C THR B 340 -9.91 13.53 -16.96
N TRP B 341 -10.90 12.79 -16.47
CA TRP B 341 -10.65 11.72 -15.51
C TRP B 341 -11.55 10.52 -15.81
N GLN B 342 -10.96 9.35 -15.98
CA GLN B 342 -9.51 9.15 -15.98
C GLN B 342 -9.17 8.20 -17.11
N PHE B 343 -7.91 8.16 -17.52
CA PHE B 343 -7.58 7.38 -18.70
C PHE B 343 -7.63 5.87 -18.49
N ASN B 344 -7.51 5.41 -17.25
CA ASN B 344 -7.65 3.98 -17.00
C ASN B 344 -9.11 3.59 -16.96
N SER B 345 -9.98 4.57 -17.19
CA SER B 345 -11.41 4.38 -17.40
C SER B 345 -12.14 3.67 -16.25
N GLY B 346 -11.46 3.51 -15.12
CA GLY B 346 -12.03 2.78 -14.01
C GLY B 346 -12.41 3.64 -12.82
N GLY B 347 -13.43 3.23 -12.10
CA GLY B 347 -13.87 3.95 -10.92
C GLY B 347 -15.10 4.80 -11.17
N ASP B 348 -15.55 5.50 -10.13
CA ASP B 348 -16.73 6.35 -10.22
C ASP B 348 -16.43 7.62 -11.00
N CYS B 349 -17.39 8.02 -11.85
CA CYS B 349 -17.27 9.20 -12.69
C CYS B 349 -16.02 9.20 -13.55
N SER B 350 -15.90 8.24 -14.46
CA SER B 350 -14.77 8.19 -15.37
C SER B 350 -15.20 7.94 -16.80
N ASP B 351 -14.75 8.80 -17.71
CA ASP B 351 -15.02 8.62 -19.12
C ASP B 351 -14.19 7.46 -19.66
N THR B 352 -14.73 6.79 -20.67
CA THR B 352 -13.94 5.79 -21.39
C THR B 352 -12.72 6.49 -21.98
N TYR B 353 -11.60 5.79 -22.07
CA TYR B 353 -10.37 6.38 -22.58
C TYR B 353 -10.57 6.87 -24.01
N SER B 354 -11.41 6.16 -24.74
CA SER B 354 -11.77 6.54 -26.10
C SER B 354 -12.36 7.95 -26.13
N ASN B 355 -13.39 8.15 -25.32
CA ASN B 355 -14.06 9.45 -25.24
C ASN B 355 -13.09 10.57 -24.89
N GLN B 356 -12.04 10.22 -24.17
CA GLN B 356 -11.03 11.19 -23.78
C GLN B 356 -10.13 11.51 -24.97
N MET B 357 -9.82 10.51 -25.79
CA MET B 357 -9.11 10.76 -27.03
C MET B 357 -9.92 11.70 -27.93
N TYR B 358 -11.20 11.37 -28.07
CA TYR B 358 -12.14 12.17 -28.84
C TYR B 358 -12.16 13.62 -28.36
N GLY B 359 -12.41 13.81 -27.08
CA GLY B 359 -12.47 15.14 -26.49
C GLY B 359 -11.18 15.91 -26.69
N MET B 360 -10.06 15.22 -26.50
CA MET B 360 -8.75 15.82 -26.70
C MET B 360 -8.57 16.33 -28.12
N GLN B 361 -9.17 15.64 -29.08
CA GLN B 361 -9.08 16.06 -30.48
C GLN B 361 -9.61 17.46 -30.75
N ALA B 362 -10.60 17.89 -29.97
CA ALA B 362 -11.26 19.17 -30.20
C ALA B 362 -10.28 20.34 -30.28
N LEU B 363 -9.15 20.22 -29.60
CA LEU B 363 -8.16 21.28 -29.57
C LEU B 363 -6.87 20.85 -30.27
N LYS B 364 -6.98 19.79 -31.07
CA LYS B 364 -5.81 19.22 -31.75
C LYS B 364 -5.21 20.18 -32.75
N GLY B 365 -4.10 20.83 -32.37
CA GLY B 365 -3.40 21.75 -33.24
C GLY B 365 -3.93 23.17 -33.17
N GLN B 366 -4.92 23.39 -32.30
CA GLN B 366 -5.48 24.71 -32.11
C GLN B 366 -4.44 25.68 -31.57
N ASN B 367 -4.26 26.79 -32.27
CA ASN B 367 -3.31 27.80 -31.84
C ASN B 367 -3.86 29.21 -31.99
N ASP B 368 -4.15 29.85 -30.86
CA ASP B 368 -4.73 31.18 -30.85
C ASP B 368 -4.25 31.97 -29.64
N GLN B 369 -3.03 32.51 -29.73
CA GLN B 369 -2.42 33.22 -28.60
C GLN B 369 -3.01 34.61 -28.36
N SER B 370 -4.04 34.97 -29.13
CA SER B 370 -4.57 36.33 -29.15
C SER B 370 -4.75 36.96 -27.77
N GLY B 371 -5.80 36.55 -27.07
CA GLY B 371 -6.12 37.06 -25.76
C GLY B 371 -7.54 36.68 -25.41
N GLY B 372 -7.71 36.11 -24.22
CA GLY B 372 -9.01 35.61 -23.81
C GLY B 372 -9.20 34.16 -24.17
N LYS B 373 -8.37 33.66 -25.08
CA LYS B 373 -8.44 32.26 -25.49
C LYS B 373 -7.19 31.49 -25.08
N GLY B 374 -7.31 30.16 -25.04
CA GLY B 374 -6.32 29.26 -24.46
C GLY B 374 -4.87 29.43 -24.84
N GLY B 375 -4.54 29.19 -26.11
CA GLY B 375 -3.18 29.31 -26.58
C GLY B 375 -2.74 28.15 -27.45
N MET B 376 -1.45 27.82 -27.39
CA MET B 376 -0.91 26.74 -28.21
C MET B 376 -1.03 25.38 -27.51
N VAL B 377 -1.57 24.41 -28.24
CA VAL B 377 -1.78 23.08 -27.70
C VAL B 377 -0.66 22.14 -28.11
N SER B 378 -0.26 22.22 -29.38
CA SER B 378 0.69 21.27 -29.96
C SER B 378 2.13 21.70 -29.71
N VAL B 379 2.56 21.57 -28.45
CA VAL B 379 3.89 22.02 -28.07
C VAL B 379 4.91 21.00 -28.54
N ASN B 380 6.14 21.18 -28.11
CA ASN B 380 7.26 20.65 -28.85
C ASN B 380 8.56 20.89 -28.09
N ILE B 381 8.70 20.00 -27.12
CA ILE B 381 9.63 20.05 -26.00
C ILE B 381 11.04 19.63 -26.39
N ASN B 382 12.04 20.19 -25.70
CA ASN B 382 13.44 20.05 -26.07
C ASN B 382 14.00 18.64 -25.89
N HIS B 383 15.27 18.58 -25.55
CA HIS B 383 15.90 17.33 -25.14
C HIS B 383 16.93 17.59 -24.05
N HIS B 384 17.93 16.71 -23.93
CA HIS B 384 19.00 16.90 -22.98
C HIS B 384 20.36 16.91 -23.68
C1 BMA C . 19.39 -6.13 30.14
C2 BMA C . 20.38 -6.07 28.98
C3 BMA C . 19.76 -5.27 27.82
C4 BMA C . 18.30 -5.67 27.50
C5 BMA C . 17.45 -5.91 28.79
C6 BMA C . 16.12 -6.62 28.54
O1 BMA C . 19.95 -6.97 31.11
O2 BMA C . 20.66 -7.37 28.49
O3 BMA C . 20.57 -5.37 26.64
O4 BMA C . 17.72 -4.62 26.72
O5 BMA C . 18.19 -6.71 29.73
O6 BMA C . 15.30 -6.45 29.70
C1 BMA C . 17.02 -5.11 25.57
C2 BMA C . 16.31 -3.97 24.85
C3 BMA C . 15.43 -4.54 23.75
C4 BMA C . 16.17 -5.57 22.86
C5 BMA C . 17.03 -6.56 23.69
C6 BMA C . 17.97 -7.40 22.85
O2 BMA C . 17.25 -3.12 24.21
O3 BMA C . 14.88 -3.50 22.93
O4 BMA C . 15.19 -6.32 22.17
O5 BMA C . 17.82 -5.85 24.67
O6 BMA C . 17.29 -8.60 22.49
C1 BMA C . 15.21 -6.09 20.75
C2 BMA C . 14.35 -7.25 20.16
C3 BMA C . 13.89 -6.97 18.74
C4 BMA C . 13.36 -5.53 18.62
C5 BMA C . 14.49 -4.57 19.00
C6 BMA C . 14.16 -3.10 18.76
O2 BMA C . 13.18 -7.42 20.94
O3 BMA C . 12.91 -7.92 18.35
O4 BMA C . 12.70 -5.11 17.35
O5 BMA C . 14.76 -4.78 20.40
O6 BMA C . 13.73 -2.54 19.99
C1 BMA C . 12.81 -5.80 16.06
C2 BMA C . 13.61 -4.95 15.07
C3 BMA C . 13.46 -5.56 13.68
C4 BMA C . 13.91 -7.02 13.70
C5 BMA C . 13.05 -7.81 14.71
C6 BMA C . 13.46 -9.26 14.83
O2 BMA C . 15.00 -4.99 15.38
O3 BMA C . 14.17 -4.84 12.69
O4 BMA C . 13.81 -7.59 12.42
O5 BMA C . 13.19 -7.19 16.00
O6 BMA C . 12.31 -10.03 15.14
C1 BMA D . -19.00 5.40 11.24
C2 BMA D . -17.75 6.28 11.22
C3 BMA D . -16.53 5.44 11.60
C4 BMA D . -16.76 4.60 12.88
C5 BMA D . -18.13 3.86 12.83
C6 BMA D . -18.51 3.19 14.15
O1 BMA D . -20.10 6.25 11.04
O2 BMA D . -17.84 7.32 12.17
O3 BMA D . -15.37 6.24 11.76
O4 BMA D . -15.70 3.67 12.98
O5 BMA D . -19.16 4.80 12.50
O6 BMA D . -18.72 1.81 13.90
C1 BMA D . -15.06 3.73 14.27
C2 BMA D . -13.96 2.67 14.37
C3 BMA D . -13.45 2.62 15.80
C4 BMA D . -13.11 4.01 16.36
C5 BMA D . -14.19 5.09 16.01
C6 BMA D . -13.73 6.50 16.27
O2 BMA D . -12.86 3.00 13.54
O3 BMA D . -12.31 1.78 15.90
O4 BMA D . -13.00 3.89 17.77
O5 BMA D . -14.57 5.00 14.62
O6 BMA D . -13.83 6.76 17.67
C1 BMA D . -11.69 4.23 18.24
C2 BMA D . -11.60 3.90 19.72
C3 BMA D . -10.23 4.31 20.27
C4 BMA D . -9.05 3.88 19.36
C5 BMA D . -9.37 4.19 17.87
C6 BMA D . -8.33 3.67 16.90
O2 BMA D . -11.72 2.51 19.91
O3 BMA D . -10.07 3.80 21.59
O4 BMA D . -7.85 4.59 19.69
O5 BMA D . -10.64 3.62 17.52
O6 BMA D . -7.36 4.69 16.70
C1 BMA D . -7.14 4.00 20.80
C2 BMA D . -5.62 4.19 20.59
C3 BMA D . -4.82 3.83 21.85
C4 BMA D . -5.45 4.41 23.12
C5 BMA D . -6.92 3.98 23.18
C6 BMA D . -7.66 4.48 24.42
O2 BMA D . -5.32 5.55 20.29
O3 BMA D . -3.47 4.24 21.74
O4 BMA D . -4.76 3.93 24.27
O5 BMA D . -7.59 4.52 22.03
O6 BMA D . -8.72 3.58 24.72
C1 BMA D . -4.16 5.02 24.99
C2 BMA D . -4.32 4.76 26.52
C3 BMA D . -3.51 5.78 27.33
C4 BMA D . -2.10 5.95 26.78
C5 BMA D . -2.17 6.33 25.31
C6 BMA D . -0.81 6.54 24.68
O2 BMA D . -3.84 3.48 26.86
O3 BMA D . -3.46 5.41 28.71
O4 BMA D . -1.41 6.96 27.50
O5 BMA D . -2.82 5.24 24.60
O6 BMA D . -0.84 6.03 23.36
C1 BMA E . -28.92 22.53 -0.84
C2 BMA E . -28.86 21.36 -1.84
C3 BMA E . -28.18 20.15 -1.18
C4 BMA E . -26.87 20.53 -0.46
C5 BMA E . -27.10 21.74 0.48
C6 BMA E . -25.83 22.23 1.16
O1 BMA E . -29.33 23.66 -1.57
O2 BMA E . -28.06 21.70 -2.97
O3 BMA E . -27.92 19.11 -2.13
O4 BMA E . -26.40 19.41 0.29
O5 BMA E . -27.65 22.81 -0.30
O6 BMA E . -24.77 22.24 0.19
C1 BMA E . -25.10 19.05 -0.19
C2 BMA E . -24.48 17.95 0.68
C3 BMA E . -23.04 17.76 0.24
C4 BMA E . -22.90 17.61 -1.29
C5 BMA E . -23.74 18.65 -2.06
C6 BMA E . -23.84 18.36 -3.55
O2 BMA E . -25.13 16.72 0.45
O3 BMA E . -22.44 16.66 0.90
O4 BMA E . -21.55 17.83 -1.64
O5 BMA E . -25.07 18.68 -1.54
O6 BMA E . -24.75 17.28 -3.74
C1 BMA E . -20.91 16.61 -2.05
C2 BMA E . -19.59 17.04 -2.60
C3 BMA E . -18.92 15.83 -3.19
C4 BMA E . -18.84 14.63 -2.22
C5 BMA E . -20.13 14.47 -1.35
C6 BMA E . -19.82 13.72 -0.07
O2 BMA E . -18.79 17.44 -1.54
O3 BMA E . -17.62 16.20 -3.63
O4 BMA E . -18.69 13.45 -2.96
O5 BMA E . -20.70 15.73 -0.99
O6 BMA E . -20.85 14.02 0.85
C1 BMA E . -17.30 13.13 -3.12
C2 BMA E . -17.13 11.64 -2.83
C3 BMA E . -15.68 11.25 -3.04
C4 BMA E . -15.15 11.74 -4.39
C5 BMA E . -15.43 13.24 -4.60
C6 BMA E . -15.07 13.70 -6.00
O2 BMA E . -17.88 10.85 -3.72
O3 BMA E . -15.50 9.85 -2.92
O4 BMA E . -13.75 11.52 -4.43
O5 BMA E . -16.84 13.47 -4.40
O6 BMA E . -14.58 15.02 -5.93
C1 BMA F . 9.40 9.28 18.50
C2 BMA F . 8.20 8.39 18.83
C3 BMA F . 7.10 8.63 17.80
C4 BMA F . 6.77 10.12 17.61
C5 BMA F . 8.09 10.92 17.38
C6 BMA F . 7.92 12.43 17.37
O1 BMA F . 10.30 9.17 19.58
O2 BMA F . 7.66 8.72 20.09
O3 BMA F . 5.91 7.91 18.12
O4 BMA F . 5.88 10.26 16.50
O5 BMA F . 9.01 10.62 18.44
O6 BMA F . 9.05 13.00 16.74
C1 BMA F . 4.79 11.16 16.82
C2 BMA F . 4.40 11.95 15.57
C3 BMA F . 3.43 13.05 15.99
C4 BMA F . 2.25 12.50 16.81
C5 BMA F . 2.72 11.50 17.93
C6 BMA F . 1.60 10.69 18.56
O2 BMA F . 3.70 11.13 14.65
O3 BMA F . 2.95 13.77 14.87
O4 BMA F . 1.60 13.62 17.40
O5 BMA F . 3.67 10.55 17.38
O6 BMA F . 1.29 11.24 19.83
C1 BMA F . 0.16 13.51 17.29
C2 BMA F . -0.50 14.78 17.79
C3 BMA F . -2.01 14.56 17.86
C4 BMA F . -2.57 13.95 16.54
C5 BMA F . -1.69 12.79 16.03
C6 BMA F . -2.06 12.33 14.64
O2 BMA F . -0.27 15.84 16.89
O3 BMA F . -2.69 15.75 18.19
O4 BMA F . -3.87 13.43 16.78
O5 BMA F . -0.30 13.19 16.01
O6 BMA F . -1.07 11.44 14.17
C1 BMA F . -4.90 14.36 16.39
C2 BMA F . -6.11 13.56 15.86
C3 BMA F . -7.30 14.51 15.61
C4 BMA F . -7.53 15.46 16.79
C5 BMA F . -6.23 16.20 17.09
C6 BMA F . -6.36 17.21 18.24
O2 BMA F . -6.55 12.61 16.82
O3 BMA F . -8.50 13.77 15.33
O4 BMA F . -8.57 16.38 16.47
O5 BMA F . -5.25 15.23 17.45
O6 BMA F . -7.01 18.36 17.74
C1 BMA F . -9.68 16.18 17.36
C2 BMA F . -10.28 17.53 17.75
C3 BMA F . -11.51 17.33 18.64
C4 BMA F . -12.47 16.30 18.05
C5 BMA F . -11.72 14.99 17.74
C6 BMA F . -12.61 13.93 17.10
O2 BMA F . -10.71 18.25 16.61
O3 BMA F . -12.19 18.56 18.86
O4 BMA F . -13.53 16.03 18.96
O5 BMA F . -10.65 15.28 16.83
O6 BMA F . -11.81 13.14 16.24
C1 BMA G . 9.15 -10.03 9.53
C2 BMA G . 9.13 -9.82 11.01
C3 BMA G . 10.02 -8.64 11.36
C4 BMA G . 11.43 -8.84 10.79
C5 BMA G . 11.41 -9.26 9.30
C6 BMA G . 12.77 -9.76 8.86
O1 BMA G . 8.37 -11.16 9.29
O2 BMA G . 9.73 -10.94 11.64
O3 BMA G . 10.09 -8.44 12.77
O4 BMA G . 12.17 -7.62 10.91
O5 BMA G . 10.46 -10.32 9.10
O6 BMA G . 13.75 -9.37 9.81
C1 BMA H . -9.83 11.76 -7.74
C2 BMA H . -10.46 11.94 -6.39
C3 BMA H . -11.24 10.70 -6.11
C4 BMA H . -12.38 10.60 -7.13
C5 BMA H . -11.83 10.64 -8.58
C6 BMA H . -12.92 10.88 -9.61
O1 BMA H . -9.08 12.92 -7.96
O2 BMA H . -11.43 12.98 -6.47
O3 BMA H . -11.76 10.71 -4.79
O4 BMA H . -13.11 9.41 -6.92
O5 BMA H . -10.85 11.71 -8.73
O6 BMA H . -13.12 9.69 -10.35
#